data_8UVG
#
_entry.id   8UVG
#
_cell.length_a   1.00
_cell.length_b   1.00
_cell.length_c   1.00
_cell.angle_alpha   90.00
_cell.angle_beta   90.00
_cell.angle_gamma   90.00
#
_symmetry.space_group_name_H-M   'P 1'
#
loop_
_entity.id
_entity.type
_entity.pdbx_description
1 polymer 'Na(+)/dicarboxylate cotransporter 3'
2 non-polymer '(2R,3S)-2,3-dimethylbutanedioic acid'
3 non-polymer TETRADECANE
4 non-polymer CHOLESTEROL
5 non-polymer 'SODIUM ION'
6 non-polymer 1,2-Distearoyl-sn-glycerophosphoethanolamine
#
_entity_poly.entity_id   1
_entity_poly.type   'polypeptide(L)'
_entity_poly.pdbx_seq_one_letter_code
;MAALAAAAKKVWSARRLLVLLFTPLALLPVVFALPPKEGRCLFVILLMAVYWCTEALPLSVTALLPIVLFPFMGILPSNK
VCPQYFLDTNFLFLSGLIMASAIEEWNLHRRIALKILMLVGVQPARLILGMMVTTSFLSMWLSNTASTAMMLPIANAILK
SLFGQKEVRKDPSQESEENTAAVRRNGLHTVPTEMQFLASTEAKDHPGETEVPLDLPADSRKEDEYRRNIWKGFLISIPY
SASIGGTATLTGTAPNLILLGQLKSFFPQCDVVNFGSWFIFAFPLMLLFLLAGWLWISFLYGGLSFRGWRKNKSEIRTNA
EDRARAVIREEYQNLGPIKFAEQAVFILFCMFAILLFTRDPKFIPGWASLFNPGFLSDAVTGVAIVTILFFFPSQRPSLK
WWFDFKAPNTETEPLLTWKKAQETVPWNIILLLGGGFAMAKGCEESGLSVWIGGQLHPLENVPPALAVLLITVVIAFFTE
FASNTATIIIFLPVLAELAIRLRVHPLYLMIPGTVGCSFAFMLPVSTPPNSIAFASGHLLVKDMVRTGLLMNLMGVLLLS
LAMNTWAQTIFQLGTFPDWADMYSVNVTALPPTLANDTFRTLSGAGA
;
_entity_poly.pdbx_strand_id   B,A
#
loop_
_chem_comp.id
_chem_comp.type
_chem_comp.name
_chem_comp.formula
3PE non-polymer 1,2-Distearoyl-sn-glycerophosphoethanolamine 'C41 H82 N O8 P'
C14 non-polymer TETRADECANE 'C14 H30'
CLR non-polymer CHOLESTEROL 'C27 H46 O'
NA non-polymer 'SODIUM ION' 'Na 1'
XKH non-polymer '(2R,3S)-2,3-dimethylbutanedioic acid' 'C6 H10 O4'
#
# COMPACT_ATOMS: atom_id res chain seq x y z
N ALA A 6 43.40 10.44 -8.44
CA ALA A 6 42.57 10.76 -9.60
C ALA A 6 41.45 9.74 -9.78
N ALA A 7 41.78 8.47 -9.54
CA ALA A 7 40.78 7.41 -9.66
C ALA A 7 39.76 7.44 -8.53
N ALA A 8 40.05 8.18 -7.45
CA ALA A 8 39.10 8.28 -6.36
C ALA A 8 37.80 8.93 -6.81
N LYS A 9 37.89 9.95 -7.66
CA LYS A 9 36.68 10.57 -8.20
C LYS A 9 35.88 9.57 -9.03
N LYS A 10 36.56 8.77 -9.85
CA LYS A 10 35.87 7.77 -10.65
C LYS A 10 35.17 6.74 -9.78
N VAL A 11 35.84 6.30 -8.71
CA VAL A 11 35.25 5.33 -7.80
C VAL A 11 34.04 5.92 -7.09
N TRP A 12 34.17 7.17 -6.61
CA TRP A 12 33.08 7.80 -5.89
C TRP A 12 31.90 8.11 -6.80
N SER A 13 32.15 8.32 -8.09
CA SER A 13 31.04 8.58 -9.02
C SER A 13 30.10 7.39 -9.09
N ALA A 14 30.63 6.17 -9.06
CA ALA A 14 29.83 4.95 -9.09
C ALA A 14 29.74 4.30 -7.73
N ARG A 15 29.63 5.10 -6.67
CA ARG A 15 29.63 4.55 -5.31
C ARG A 15 28.43 3.64 -5.08
N ARG A 16 27.28 3.99 -5.65
CA ARG A 16 26.07 3.21 -5.41
C ARG A 16 26.20 1.79 -5.96
N LEU A 17 26.61 1.66 -7.22
CA LEU A 17 26.78 0.33 -7.79
C LEU A 17 27.88 -0.44 -7.07
N LEU A 18 28.98 0.23 -6.73
CA LEU A 18 30.07 -0.44 -6.02
C LEU A 18 29.59 -1.03 -4.71
N VAL A 19 28.91 -0.22 -3.89
CA VAL A 19 28.48 -0.72 -2.59
C VAL A 19 27.40 -1.79 -2.76
N LEU A 20 26.50 -1.62 -3.73
CA LEU A 20 25.44 -2.60 -3.93
C LEU A 20 26.02 -3.95 -4.32
N LEU A 21 27.00 -3.97 -5.21
CA LEU A 21 27.58 -5.24 -5.64
C LEU A 21 28.48 -5.86 -4.56
N PHE A 22 29.30 -5.04 -3.90
CA PHE A 22 30.31 -5.60 -3.00
C PHE A 22 29.86 -5.70 -1.55
N THR A 23 28.62 -5.31 -1.22
CA THR A 23 28.16 -5.48 0.16
C THR A 23 27.82 -6.93 0.49
N PRO A 24 27.04 -7.65 -0.33
CA PRO A 24 26.80 -9.07 0.00
C PRO A 24 28.08 -9.88 0.13
N LEU A 25 29.07 -9.60 -0.72
CA LEU A 25 30.34 -10.31 -0.62
C LEU A 25 31.03 -10.02 0.71
N ALA A 26 30.98 -8.76 1.16
CA ALA A 26 31.55 -8.42 2.46
C ALA A 26 30.78 -9.08 3.59
N LEU A 27 29.48 -9.33 3.41
CA LEU A 27 28.67 -9.90 4.46
C LEU A 27 28.59 -11.43 4.42
N LEU A 28 29.13 -12.08 3.39
CA LEU A 28 29.20 -13.55 3.37
C LEU A 28 29.74 -14.18 4.64
N PRO A 29 30.84 -13.72 5.25
CA PRO A 29 31.34 -14.41 6.46
C PRO A 29 30.35 -14.45 7.60
N VAL A 30 29.37 -13.53 7.62
CA VAL A 30 28.34 -13.58 8.65
C VAL A 30 27.54 -14.87 8.56
N VAL A 31 27.19 -15.28 7.33
CA VAL A 31 26.36 -16.47 7.16
C VAL A 31 27.04 -17.70 7.73
N PHE A 32 28.36 -17.79 7.58
CA PHE A 32 29.09 -18.94 8.11
C PHE A 32 29.53 -18.76 9.56
N ALA A 33 29.46 -17.54 10.08
CA ALA A 33 29.91 -17.30 11.45
C ALA A 33 28.98 -17.93 12.47
N LEU A 34 27.67 -17.73 12.31
CA LEU A 34 26.68 -18.21 13.26
C LEU A 34 25.76 -19.22 12.57
N PRO A 35 24.85 -19.89 13.28
CA PRO A 35 24.09 -20.97 12.65
C PRO A 35 23.35 -20.49 11.42
N PRO A 36 23.19 -21.36 10.41
CA PRO A 36 22.69 -20.90 9.10
C PRO A 36 21.33 -20.24 9.16
N LYS A 37 20.40 -20.79 9.94
CA LYS A 37 19.07 -20.18 10.02
C LYS A 37 19.16 -18.77 10.59
N GLU A 38 19.95 -18.59 11.64
CA GLU A 38 20.19 -17.26 12.19
C GLU A 38 21.16 -16.47 11.34
N GLY A 39 22.13 -17.14 10.71
CA GLY A 39 23.13 -16.44 9.92
C GLY A 39 22.53 -15.74 8.71
N ARG A 40 21.63 -16.42 8.00
CA ARG A 40 20.99 -15.82 6.84
C ARG A 40 20.14 -14.62 7.23
N CYS A 41 19.40 -14.74 8.34
CA CYS A 41 18.59 -13.61 8.81
C CYS A 41 19.47 -12.43 9.20
N LEU A 42 20.57 -12.69 9.91
CA LEU A 42 21.48 -11.62 10.26
C LEU A 42 22.09 -10.97 9.02
N PHE A 43 22.43 -11.78 8.03
CA PHE A 43 22.95 -11.26 6.77
C PHE A 43 21.94 -10.33 6.11
N VAL A 44 20.67 -10.74 6.07
CA VAL A 44 19.63 -9.91 5.46
C VAL A 44 19.48 -8.61 6.24
N ILE A 45 19.46 -8.70 7.57
CA ILE A 45 19.29 -7.51 8.41
C ILE A 45 20.40 -6.52 8.16
N LEU A 46 21.65 -7.00 8.17
CA LEU A 46 22.79 -6.10 7.98
C LEU A 46 22.82 -5.54 6.56
N LEU A 47 22.46 -6.37 5.57
CA LEU A 47 22.43 -5.89 4.18
C LEU A 47 21.42 -4.76 4.02
N MET A 48 20.21 -4.94 4.60
CA MET A 48 19.22 -3.87 4.53
C MET A 48 19.69 -2.63 5.27
N ALA A 49 20.35 -2.81 6.42
CA ALA A 49 20.83 -1.66 7.19
C ALA A 49 21.84 -0.85 6.40
N VAL A 50 22.81 -1.53 5.78
CA VAL A 50 23.86 -0.81 5.06
C VAL A 50 23.31 -0.20 3.77
N TYR A 51 22.36 -0.89 3.12
CA TYR A 51 21.73 -0.31 1.93
C TYR A 51 20.94 0.94 2.30
N TRP A 52 20.27 0.94 3.45
CA TRP A 52 19.58 2.14 3.89
C TRP A 52 20.56 3.26 4.21
N CYS A 53 21.67 2.92 4.89
CA CYS A 53 22.64 3.95 5.29
C CYS A 53 23.30 4.59 4.06
N THR A 54 23.69 3.77 3.09
CA THR A 54 24.42 4.25 1.93
C THR A 54 23.52 4.68 0.77
N GLU A 55 22.21 4.48 0.89
CA GLU A 55 21.26 4.82 -0.17
C GLU A 55 21.61 4.15 -1.48
N ALA A 56 22.06 2.90 -1.40
CA ALA A 56 22.36 2.14 -2.62
C ALA A 56 21.09 1.90 -3.43
N LEU A 57 19.99 1.61 -2.76
CA LEU A 57 18.67 1.46 -3.36
C LEU A 57 17.74 2.46 -2.71
N PRO A 58 16.63 2.80 -3.37
CA PRO A 58 15.62 3.62 -2.71
C PRO A 58 15.11 2.93 -1.45
N LEU A 59 14.73 3.75 -0.47
CA LEU A 59 14.38 3.23 0.86
C LEU A 59 13.31 2.14 0.77
N SER A 60 12.38 2.28 -0.15
CA SER A 60 11.32 1.28 -0.29
C SER A 60 11.82 0.03 -1.01
N VAL A 61 12.69 0.21 -2.00
CA VAL A 61 13.25 -0.94 -2.70
C VAL A 61 14.05 -1.80 -1.73
N THR A 62 14.83 -1.16 -0.86
CA THR A 62 15.46 -1.90 0.24
C THR A 62 14.42 -2.48 1.18
N ALA A 63 13.35 -1.74 1.45
CA ALA A 63 12.29 -2.24 2.31
C ALA A 63 11.59 -3.44 1.72
N LEU A 64 11.62 -3.61 0.40
CA LEU A 64 11.06 -4.78 -0.25
C LEU A 64 12.01 -5.96 -0.29
N LEU A 65 13.25 -5.79 0.18
CA LEU A 65 14.22 -6.87 0.17
C LEU A 65 13.75 -8.13 0.90
N PRO A 66 13.08 -8.07 2.05
CA PRO A 66 12.66 -9.32 2.70
C PRO A 66 11.84 -10.23 1.80
N ILE A 67 11.01 -9.67 0.91
CA ILE A 67 10.24 -10.49 -0.02
C ILE A 67 11.15 -11.40 -0.81
N VAL A 68 12.25 -10.86 -1.33
CA VAL A 68 13.17 -11.67 -2.10
C VAL A 68 13.97 -12.58 -1.19
N LEU A 69 14.48 -12.07 -0.08
CA LEU A 69 15.47 -12.81 0.68
C LEU A 69 14.85 -13.92 1.54
N PHE A 70 13.90 -13.56 2.41
CA PHE A 70 13.43 -14.54 3.40
C PHE A 70 12.88 -15.81 2.78
N PRO A 71 12.06 -15.78 1.72
CA PRO A 71 11.61 -17.06 1.13
C PRO A 71 12.71 -17.83 0.43
N PHE A 72 13.62 -17.16 -0.29
CA PHE A 72 14.65 -17.87 -1.04
C PHE A 72 15.57 -18.66 -0.12
N MET A 73 15.97 -18.09 1.01
CA MET A 73 16.89 -18.78 1.91
C MET A 73 16.18 -19.46 3.07
N GLY A 74 14.87 -19.69 2.94
CA GLY A 74 14.15 -20.52 3.90
C GLY A 74 13.86 -19.89 5.24
N ILE A 75 14.06 -18.58 5.38
CA ILE A 75 13.81 -17.94 6.66
C ILE A 75 12.32 -17.91 6.98
N LEU A 76 11.50 -17.50 6.00
CA LEU A 76 10.07 -17.32 6.25
C LEU A 76 9.33 -17.44 4.93
N PRO A 77 8.17 -18.11 4.90
CA PRO A 77 7.43 -18.23 3.65
C PRO A 77 6.93 -16.89 3.15
N SER A 78 6.74 -16.81 1.82
CA SER A 78 6.31 -15.56 1.21
C SER A 78 4.93 -15.13 1.70
N ASN A 79 4.01 -16.10 1.85
CA ASN A 79 2.67 -15.78 2.31
C ASN A 79 2.63 -15.39 3.79
N LYS A 80 3.75 -15.51 4.50
CA LYS A 80 3.88 -14.97 5.84
C LYS A 80 4.65 -13.66 5.88
N VAL A 81 5.64 -13.48 5.02
CA VAL A 81 6.39 -12.22 4.96
C VAL A 81 5.49 -11.10 4.45
N CYS A 82 4.77 -11.35 3.36
CA CYS A 82 4.01 -10.29 2.70
C CYS A 82 2.93 -9.66 3.58
N PRO A 83 2.09 -10.42 4.30
CA PRO A 83 1.04 -9.76 5.09
C PRO A 83 1.57 -8.83 6.15
N GLN A 84 2.82 -8.95 6.65
CA GLN A 84 3.50 -8.04 7.62
C GLN A 84 3.67 -6.59 7.17
N TYR A 85 3.55 -6.30 5.90
CA TYR A 85 3.79 -4.95 5.37
C TYR A 85 2.55 -4.08 5.62
N PHE A 86 1.48 -4.72 6.06
CA PHE A 86 0.26 -3.97 6.41
C PHE A 86 -0.30 -4.40 7.75
N LEU A 87 0.54 -4.57 8.73
CA LEU A 87 0.06 -4.66 10.12
C LEU A 87 -0.77 -3.39 10.38
N ASP A 88 -1.58 -3.37 11.43
CA ASP A 88 -2.44 -2.23 11.84
C ASP A 88 -1.66 -0.94 12.14
N THR A 89 -0.40 -1.01 12.58
CA THR A 89 0.47 0.16 12.77
C THR A 89 0.52 0.99 11.47
N ASN A 90 0.59 0.38 10.31
CA ASN A 90 0.65 1.06 9.01
C ASN A 90 -0.68 1.73 8.62
N PHE A 91 -1.78 1.18 9.03
CA PHE A 91 -3.10 1.83 8.80
C PHE A 91 -3.22 3.09 9.66
N LEU A 92 -2.67 3.10 10.89
CA LEU A 92 -2.52 4.31 11.73
C LEU A 92 -1.67 5.37 11.03
N PHE A 93 -0.50 5.06 10.44
CA PHE A 93 0.36 5.95 9.68
C PHE A 93 -0.33 6.46 8.41
N LEU A 94 -1.03 5.57 7.70
CA LEU A 94 -1.71 5.97 6.48
C LEU A 94 -2.81 6.99 6.75
N SER A 95 -3.60 6.76 7.79
CA SER A 95 -4.65 7.70 8.15
C SER A 95 -4.06 9.04 8.58
N GLY A 96 -2.94 9.01 9.31
CA GLY A 96 -2.28 10.26 9.65
C GLY A 96 -1.80 11.02 8.42
N LEU A 97 -1.26 10.30 7.44
CA LEU A 97 -0.81 10.94 6.21
C LEU A 97 -1.98 11.55 5.45
N ILE A 98 -3.10 10.83 5.37
CA ILE A 98 -4.25 11.36 4.65
C ILE A 98 -4.85 12.56 5.37
N MET A 99 -4.86 12.52 6.71
CA MET A 99 -5.31 13.68 7.48
C MET A 99 -4.39 14.88 7.25
N ALA A 100 -3.08 14.64 7.21
CA ALA A 100 -2.14 15.72 6.94
C ALA A 100 -2.37 16.32 5.56
N SER A 101 -2.61 15.46 4.55
CA SER A 101 -2.90 15.97 3.21
C SER A 101 -4.19 16.79 3.20
N ALA A 102 -5.21 16.32 3.92
CA ALA A 102 -6.46 17.07 4.00
C ALA A 102 -6.25 18.44 4.66
N ILE A 103 -5.44 18.48 5.71
CA ILE A 103 -5.12 19.75 6.37
C ILE A 103 -4.39 20.67 5.41
N GLU A 104 -3.41 20.13 4.67
CA GLU A 104 -2.60 20.94 3.78
C GLU A 104 -3.43 21.49 2.62
N GLU A 105 -4.39 20.71 2.11
CA GLU A 105 -5.14 21.13 0.93
C GLU A 105 -5.95 22.39 1.20
N TRP A 106 -6.57 22.47 2.38
CA TRP A 106 -7.48 23.56 2.70
C TRP A 106 -6.78 24.73 3.39
N ASN A 107 -5.45 24.72 3.45
CA ASN A 107 -4.65 25.78 4.05
C ASN A 107 -4.90 25.94 5.54
N LEU A 108 -5.40 24.91 6.20
CA LEU A 108 -5.49 24.94 7.66
C LEU A 108 -4.11 24.95 8.30
N HIS A 109 -3.15 24.25 7.68
CA HIS A 109 -1.79 24.23 8.20
C HIS A 109 -1.18 25.62 8.19
N ARG A 110 -1.45 26.41 7.14
CA ARG A 110 -0.97 27.78 7.09
C ARG A 110 -1.50 28.59 8.27
N ARG A 111 -2.80 28.47 8.54
CA ARG A 111 -3.41 29.22 9.65
C ARG A 111 -2.79 28.80 10.98
N ILE A 112 -2.65 27.49 11.19
CA ILE A 112 -2.09 27.00 12.46
C ILE A 112 -0.67 27.51 12.64
N ALA A 113 0.15 27.40 11.59
CA ALA A 113 1.55 27.82 11.70
C ALA A 113 1.66 29.33 11.90
N LEU A 114 0.82 30.11 11.24
CA LEU A 114 0.87 31.55 11.42
C LEU A 114 0.44 31.95 12.83
N LYS A 115 -0.57 31.27 13.39
CA LYS A 115 -0.95 31.53 14.77
C LYS A 115 0.19 31.18 15.73
N ILE A 116 0.87 30.05 15.47
CA ILE A 116 2.00 29.67 16.30
C ILE A 116 3.12 30.71 16.20
N LEU A 117 3.38 31.21 15.00
CA LEU A 117 4.40 32.25 14.82
C LEU A 117 4.02 33.52 15.56
N MET A 118 2.73 33.89 15.55
CA MET A 118 2.28 35.03 16.33
C MET A 118 2.52 34.81 17.81
N LEU A 119 2.23 33.62 18.30
CA LEU A 119 2.35 33.36 19.73
C LEU A 119 3.81 33.27 20.18
N VAL A 120 4.70 32.82 19.31
CA VAL A 120 6.10 32.59 19.66
C VAL A 120 7.03 33.62 19.00
N GLY A 121 7.01 33.67 17.67
CA GLY A 121 7.99 34.46 16.94
C GLY A 121 8.75 33.59 15.96
N VAL A 122 9.56 34.18 15.10
CA VAL A 122 10.29 33.40 14.10
C VAL A 122 11.74 33.25 14.58
N GLN A 123 11.95 33.45 15.87
CA GLN A 123 13.30 33.33 16.42
C GLN A 123 13.82 31.92 16.24
N PRO A 124 15.06 31.74 15.77
CA PRO A 124 15.57 30.39 15.49
C PRO A 124 15.62 29.54 16.76
N ALA A 125 15.26 28.27 16.58
CA ALA A 125 15.39 27.19 17.57
C ALA A 125 14.39 27.32 18.70
N ARG A 126 13.72 28.47 18.82
CA ARG A 126 12.59 28.54 19.74
C ARG A 126 11.43 27.71 19.22
N LEU A 127 11.23 27.73 17.90
CA LEU A 127 10.23 26.87 17.28
C LEU A 127 10.53 25.41 17.55
N ILE A 128 11.80 25.02 17.40
CA ILE A 128 12.15 23.62 17.59
C ILE A 128 12.00 23.22 19.05
N LEU A 129 12.36 24.11 19.98
CA LEU A 129 12.19 23.79 21.40
C LEU A 129 10.72 23.63 21.76
N GLY A 130 9.87 24.58 21.34
CA GLY A 130 8.46 24.48 21.65
C GLY A 130 7.81 23.28 21.01
N MET A 131 8.12 23.01 19.75
CA MET A 131 7.53 21.88 19.05
C MET A 131 7.99 20.57 19.67
N MET A 132 9.26 20.49 20.06
CA MET A 132 9.79 19.29 20.71
C MET A 132 9.10 19.04 22.05
N VAL A 133 8.95 20.09 22.86
CA VAL A 133 8.34 19.89 24.18
C VAL A 133 6.86 19.54 24.03
N THR A 134 6.18 20.14 23.04
CA THR A 134 4.78 19.79 22.79
C THR A 134 4.64 18.33 22.36
N THR A 135 5.51 17.89 21.44
CA THR A 135 5.46 16.51 20.98
C THR A 135 5.72 15.54 22.12
N SER A 136 6.70 15.85 22.98
CA SER A 136 6.98 14.99 24.11
C SER A 136 5.81 14.96 25.10
N PHE A 137 5.20 16.12 25.35
CA PHE A 137 4.08 16.19 26.28
C PHE A 137 2.89 15.37 25.79
N LEU A 138 2.59 15.47 24.49
CA LEU A 138 1.47 14.69 23.97
C LEU A 138 1.81 13.21 23.88
N SER A 139 3.08 12.89 23.61
CA SER A 139 3.52 11.49 23.61
C SER A 139 3.57 10.91 25.01
N MET A 140 3.39 11.72 26.05
CA MET A 140 3.43 11.23 27.42
C MET A 140 2.34 10.19 27.67
N TRP A 141 1.16 10.40 27.11
CA TRP A 141 0.00 9.56 27.37
C TRP A 141 -0.38 8.67 26.19
N LEU A 142 -0.07 9.09 24.97
CA LEU A 142 -0.32 8.30 23.78
C LEU A 142 0.89 7.47 23.40
N SER A 143 0.69 6.53 22.49
CA SER A 143 1.82 5.83 21.88
C SER A 143 2.62 6.81 21.04
N ASN A 144 3.91 6.53 20.90
CA ASN A 144 4.79 7.43 20.16
C ASN A 144 4.34 7.58 18.72
N THR A 145 3.83 6.49 18.12
CA THR A 145 3.44 6.52 16.72
C THR A 145 2.34 7.54 16.46
N ALA A 146 1.28 7.50 17.27
CA ALA A 146 0.18 8.44 17.09
C ALA A 146 0.63 9.88 17.33
N SER A 147 1.46 10.07 18.37
CA SER A 147 1.93 11.42 18.69
C SER A 147 2.72 12.02 17.54
N THR A 148 3.69 11.27 17.01
CA THR A 148 4.49 11.81 15.91
C THR A 148 3.66 11.92 14.64
N ALA A 149 2.70 11.02 14.43
CA ALA A 149 1.84 11.10 13.26
C ALA A 149 1.02 12.38 13.28
N MET A 150 0.55 12.78 14.45
CA MET A 150 -0.18 14.04 14.56
C MET A 150 0.74 15.26 14.60
N MET A 151 1.99 15.10 15.02
CA MET A 151 2.88 16.25 15.14
C MET A 151 3.60 16.63 13.86
N LEU A 152 3.88 15.67 12.98
CA LEU A 152 4.45 16.02 11.67
C LEU A 152 3.62 17.05 10.89
N PRO A 153 2.28 17.01 10.84
CA PRO A 153 1.56 18.07 10.13
C PRO A 153 1.88 19.47 10.62
N ILE A 154 1.96 19.68 11.94
CA ILE A 154 2.30 21.00 12.46
C ILE A 154 3.73 21.38 12.11
N ALA A 155 4.64 20.40 12.14
CA ALA A 155 6.03 20.68 11.77
C ALA A 155 6.13 21.14 10.33
N ASN A 156 5.47 20.42 9.42
CA ASN A 156 5.45 20.82 8.01
C ASN A 156 4.79 22.17 7.83
N ALA A 157 3.71 22.43 8.57
CA ALA A 157 3.04 23.72 8.49
C ALA A 157 3.99 24.86 8.86
N ILE A 158 4.64 24.74 10.02
CA ILE A 158 5.54 25.80 10.47
C ILE A 158 6.68 25.97 9.48
N LEU A 159 7.28 24.87 9.04
CA LEU A 159 8.43 24.94 8.13
C LEU A 159 8.05 25.60 6.81
N LYS A 160 6.90 25.23 6.26
CA LYS A 160 6.43 25.86 5.03
C LYS A 160 6.08 27.32 5.24
N SER A 161 5.71 27.70 6.46
CA SER A 161 5.26 29.06 6.70
C SER A 161 6.41 30.03 6.89
N LEU A 162 7.36 29.74 7.80
CA LEU A 162 8.37 30.75 8.08
C LEU A 162 9.33 30.94 6.91
N PHE A 163 9.40 29.97 5.99
CA PHE A 163 10.27 30.02 4.84
C PHE A 163 9.53 30.39 3.56
N GLY A 164 8.28 30.84 3.67
CA GLY A 164 7.51 31.23 2.51
C GLY A 164 6.89 30.04 1.79
N ASP A 224 20.54 29.63 1.48
CA ASP A 224 19.92 28.49 0.80
C ASP A 224 20.16 27.20 1.58
N GLU A 225 21.41 26.96 1.97
CA GLU A 225 21.72 25.77 2.75
C GLU A 225 21.08 25.85 4.13
N TYR A 226 20.98 27.05 4.70
CA TYR A 226 20.37 27.21 6.01
C TYR A 226 18.90 26.78 5.99
N ARG A 227 18.19 27.08 4.90
CA ARG A 227 16.78 26.70 4.80
C ARG A 227 16.60 25.20 4.91
N ARG A 228 17.33 24.44 4.09
CA ARG A 228 17.24 22.98 4.11
C ARG A 228 17.77 22.41 5.41
N ASN A 229 18.80 23.03 5.98
CA ASN A 229 19.37 22.56 7.24
C ASN A 229 18.35 22.65 8.35
N ILE A 230 17.71 23.81 8.49
CA ILE A 230 16.65 24.00 9.49
C ILE A 230 15.49 23.05 9.19
N TRP A 231 15.17 22.87 7.91
CA TRP A 231 14.11 21.92 7.53
C TRP A 231 14.39 20.55 8.12
N LYS A 232 15.59 20.03 7.86
CA LYS A 232 15.97 18.69 8.33
C LYS A 232 15.95 18.62 9.85
N GLY A 233 16.54 19.62 10.51
CA GLY A 233 16.62 19.57 11.96
C GLY A 233 15.25 19.61 12.62
N PHE A 234 14.39 20.51 12.15
CA PHE A 234 13.09 20.67 12.78
C PHE A 234 12.18 19.49 12.47
N LEU A 235 12.40 18.80 11.35
CA LEU A 235 11.66 17.56 11.09
C LEU A 235 12.17 16.42 11.95
N ILE A 236 13.50 16.30 12.11
CA ILE A 236 14.04 15.20 12.89
C ILE A 236 13.80 15.39 14.38
N SER A 237 13.50 16.61 14.81
CA SER A 237 13.23 16.84 16.22
C SER A 237 11.97 16.11 16.70
N ILE A 238 11.06 15.79 15.79
CA ILE A 238 9.74 15.27 16.18
C ILE A 238 9.81 13.81 16.62
N PRO A 239 10.30 12.87 15.80
CA PRO A 239 10.33 11.47 16.26
C PRO A 239 11.18 11.27 17.50
N TYR A 240 12.30 12.00 17.58
CA TYR A 240 13.13 11.94 18.78
C TYR A 240 12.37 12.42 19.99
N SER A 241 11.63 13.53 19.84
CA SER A 241 10.84 14.06 20.95
C SER A 241 9.79 13.06 21.40
N ALA A 242 9.12 12.41 20.44
CA ALA A 242 8.10 11.43 20.78
C ALA A 242 8.73 10.24 21.54
N SER A 243 9.87 9.76 21.06
CA SER A 243 10.53 8.66 21.74
C SER A 243 10.96 9.05 23.16
N ILE A 244 11.45 10.28 23.32
CA ILE A 244 11.86 10.74 24.65
C ILE A 244 10.65 10.84 25.57
N GLY A 245 9.55 11.42 25.08
CA GLY A 245 8.38 11.59 25.91
C GLY A 245 7.71 10.29 26.31
N GLY A 246 7.73 9.29 25.41
CA GLY A 246 6.99 8.07 25.68
C GLY A 246 7.53 7.26 26.83
N THR A 247 8.82 7.40 27.14
CA THR A 247 9.43 6.57 28.17
C THR A 247 9.21 7.10 29.58
N ALA A 248 8.69 8.31 29.74
CA ALA A 248 8.60 8.91 31.07
C ALA A 248 7.52 8.24 31.92
N THR A 249 6.42 7.83 31.30
CA THR A 249 5.31 7.21 32.01
C THR A 249 5.17 5.75 31.61
N LEU A 250 4.44 5.01 32.45
CA LEU A 250 4.12 3.62 32.14
C LEU A 250 3.19 3.52 30.94
N THR A 251 2.28 4.48 30.79
CA THR A 251 1.33 4.48 29.68
C THR A 251 1.89 5.06 28.40
N GLY A 252 3.07 5.70 28.46
CA GLY A 252 3.60 6.35 27.28
C GLY A 252 3.97 5.39 26.18
N THR A 253 4.57 4.25 26.54
CA THR A 253 5.02 3.28 25.55
C THR A 253 4.62 1.88 26.00
N ALA A 254 4.44 1.01 25.00
CA ALA A 254 4.15 -0.39 25.28
C ALA A 254 5.20 -1.10 26.13
N PRO A 255 6.51 -0.90 25.92
CA PRO A 255 7.49 -1.66 26.73
C PRO A 255 7.35 -1.47 28.23
N ASN A 256 6.91 -0.31 28.71
CA ASN A 256 6.70 -0.16 30.15
C ASN A 256 5.60 -1.09 30.64
N LEU A 257 4.48 -1.16 29.91
CA LEU A 257 3.40 -2.07 30.29
C LEU A 257 3.84 -3.53 30.17
N ILE A 258 4.64 -3.85 29.15
CA ILE A 258 5.17 -5.21 29.03
C ILE A 258 6.07 -5.53 30.22
N LEU A 259 6.86 -4.56 30.67
CA LEU A 259 7.69 -4.74 31.85
C LEU A 259 6.84 -5.03 33.08
N LEU A 260 5.77 -4.26 33.27
CA LEU A 260 4.88 -4.50 34.40
C LEU A 260 4.26 -5.90 34.33
N GLY A 261 3.80 -6.29 33.14
CA GLY A 261 3.19 -7.61 33.00
C GLY A 261 4.16 -8.74 33.30
N GLN A 262 5.37 -8.65 32.75
CA GLN A 262 6.36 -9.70 32.97
C GLN A 262 6.84 -9.70 34.42
N LEU A 263 6.89 -8.53 35.05
CA LEU A 263 7.27 -8.46 36.45
C LEU A 263 6.22 -9.12 37.33
N LYS A 264 4.93 -8.87 37.03
CA LYS A 264 3.87 -9.56 37.76
C LYS A 264 3.92 -11.06 37.51
N SER A 265 4.28 -11.47 36.29
CA SER A 265 4.41 -12.89 35.98
C SER A 265 5.54 -13.53 36.78
N PHE A 266 6.69 -12.87 36.86
CA PHE A 266 7.85 -13.47 37.51
C PHE A 266 7.89 -13.16 39.01
N PHE A 267 7.66 -11.91 39.40
CA PHE A 267 7.84 -11.46 40.78
C PHE A 267 6.56 -10.82 41.28
N PRO A 268 5.58 -11.63 41.70
CA PRO A 268 4.39 -11.04 42.33
C PRO A 268 4.70 -10.26 43.60
N GLN A 269 5.71 -10.69 44.36
CA GLN A 269 6.05 -10.02 45.61
C GLN A 269 6.65 -8.64 45.38
N CYS A 270 7.22 -8.38 44.21
CA CYS A 270 7.81 -7.08 43.90
C CYS A 270 6.69 -6.13 43.48
N ASP A 271 6.43 -5.12 44.31
CA ASP A 271 5.34 -4.17 44.06
C ASP A 271 5.77 -2.73 44.19
N VAL A 272 7.08 -2.46 44.25
CA VAL A 272 7.57 -1.09 44.39
C VAL A 272 7.52 -0.29 43.11
N VAL A 273 7.09 -0.90 42.01
CA VAL A 273 6.96 -0.23 40.73
C VAL A 273 5.49 0.08 40.47
N ASN A 274 5.21 1.33 40.11
CA ASN A 274 3.86 1.78 39.82
C ASN A 274 3.95 3.09 39.05
N PHE A 275 2.80 3.71 38.80
CA PHE A 275 2.76 4.94 38.03
C PHE A 275 3.52 6.06 38.73
N GLY A 276 3.30 6.22 40.04
CA GLY A 276 3.94 7.31 40.75
C GLY A 276 5.45 7.18 40.80
N SER A 277 5.93 5.99 41.16
CA SER A 277 7.37 5.76 41.25
C SER A 277 8.03 5.91 39.88
N TRP A 278 7.41 5.33 38.85
CA TRP A 278 7.98 5.42 37.51
C TRP A 278 8.01 6.87 37.04
N PHE A 279 6.95 7.64 37.32
CA PHE A 279 6.95 9.04 36.93
C PHE A 279 8.05 9.81 37.64
N ILE A 280 8.12 9.70 38.97
CA ILE A 280 9.10 10.48 39.71
C ILE A 280 10.51 10.05 39.35
N PHE A 281 10.67 8.83 38.82
CA PHE A 281 12.00 8.40 38.38
C PHE A 281 12.34 8.90 36.98
N ALA A 282 11.39 8.80 36.05
CA ALA A 282 11.69 8.98 34.63
C ALA A 282 11.41 10.39 34.11
N PHE A 283 10.59 11.18 34.79
CA PHE A 283 10.40 12.56 34.37
C PHE A 283 11.70 13.37 34.37
N PRO A 284 12.55 13.32 35.40
CA PRO A 284 13.86 14.00 35.28
C PRO A 284 14.68 13.49 34.11
N LEU A 285 14.64 12.18 33.85
CA LEU A 285 15.32 11.64 32.68
C LEU A 285 14.78 12.25 31.39
N MET A 286 13.45 12.32 31.27
CA MET A 286 12.85 12.84 30.05
C MET A 286 13.25 14.30 29.85
N LEU A 287 13.16 15.11 30.91
CA LEU A 287 13.52 16.52 30.77
C LEU A 287 15.00 16.69 30.43
N LEU A 288 15.88 15.99 31.15
CA LEU A 288 17.31 16.15 30.92
C LEU A 288 17.68 15.74 29.51
N PHE A 289 17.22 14.57 29.07
CA PHE A 289 17.59 14.09 27.75
C PHE A 289 16.90 14.88 26.65
N LEU A 290 15.70 15.40 26.89
CA LEU A 290 15.06 16.26 25.92
C LEU A 290 15.83 17.56 25.74
N LEU A 291 16.26 18.18 26.83
CA LEU A 291 17.06 19.40 26.72
C LEU A 291 18.39 19.12 26.03
N ALA A 292 19.02 18.00 26.37
CA ALA A 292 20.28 17.65 25.72
C ALA A 292 20.09 17.45 24.22
N GLY A 293 19.02 16.74 23.83
CA GLY A 293 18.74 16.55 22.42
C GLY A 293 18.40 17.85 21.71
N TRP A 294 17.68 18.74 22.40
CA TRP A 294 17.37 20.04 21.80
C TRP A 294 18.63 20.83 21.53
N LEU A 295 19.56 20.88 22.49
CA LEU A 295 20.83 21.55 22.25
C LEU A 295 21.59 20.89 21.10
N TRP A 296 21.61 19.56 21.07
CA TRP A 296 22.36 18.85 20.03
C TRP A 296 21.80 19.17 18.65
N ILE A 297 20.48 19.06 18.49
CA ILE A 297 19.85 19.31 17.20
C ILE A 297 19.98 20.76 16.80
N SER A 298 19.80 21.69 17.75
CA SER A 298 19.92 23.10 17.43
C SER A 298 21.33 23.46 16.99
N PHE A 299 22.34 22.94 17.70
CA PHE A 299 23.72 23.25 17.33
C PHE A 299 24.08 22.64 15.99
N LEU A 300 23.72 21.36 15.77
CA LEU A 300 24.09 20.71 14.53
C LEU A 300 23.32 21.30 13.36
N TYR A 301 22.03 21.60 13.56
CA TYR A 301 21.18 22.20 12.53
C TYR A 301 20.88 23.64 12.90
N GLY A 302 21.57 24.58 12.27
CA GLY A 302 21.24 25.99 12.40
C GLY A 302 21.72 26.68 13.65
N GLY A 303 22.68 26.11 14.37
CA GLY A 303 23.25 26.76 15.55
C GLY A 303 22.26 27.02 16.65
N ASN A 319 15.42 47.05 11.64
CA ASN A 319 15.27 45.76 12.32
C ASN A 319 14.67 44.71 11.40
N ALA A 320 15.46 43.71 11.03
CA ALA A 320 14.96 42.64 10.19
C ALA A 320 13.92 41.81 10.91
N GLU A 321 14.11 41.59 12.22
CA GLU A 321 13.13 40.84 13.00
C GLU A 321 11.79 41.56 13.04
N ASP A 322 11.82 42.88 13.22
CA ASP A 322 10.59 43.66 13.21
C ASP A 322 9.91 43.60 11.83
N ARG A 323 10.70 43.64 10.77
CA ARG A 323 10.14 43.51 9.43
C ARG A 323 9.47 42.15 9.23
N ALA A 324 10.10 41.09 9.74
CA ALA A 324 9.51 39.76 9.65
C ALA A 324 8.20 39.68 10.42
N ARG A 325 8.21 40.21 11.66
CA ARG A 325 6.98 40.31 12.44
C ARG A 325 5.88 41.00 11.64
N ALA A 326 6.21 42.17 11.08
CA ALA A 326 5.21 42.95 10.37
C ALA A 326 4.64 42.17 9.20
N VAL A 327 5.51 41.66 8.32
CA VAL A 327 5.04 41.02 7.08
C VAL A 327 4.23 39.77 7.42
N ILE A 328 4.65 39.04 8.46
CA ILE A 328 3.84 37.92 8.92
C ILE A 328 2.47 38.39 9.36
N ARG A 329 2.41 39.54 10.03
CA ARG A 329 1.12 40.09 10.43
C ARG A 329 0.23 40.38 9.23
N GLU A 330 0.72 41.16 8.26
CA GLU A 330 -0.14 41.48 7.14
C GLU A 330 -0.57 40.24 6.39
N GLU A 331 0.34 39.28 6.18
CA GLU A 331 -0.06 38.05 5.50
C GLU A 331 -1.11 37.29 6.30
N TYR A 332 -1.03 37.36 7.64
CA TYR A 332 -2.02 36.70 8.48
C TYR A 332 -3.40 37.29 8.26
N GLN A 333 -3.53 38.63 8.26
CA GLN A 333 -4.85 39.17 7.96
C GLN A 333 -5.21 39.07 6.49
N ASN A 334 -4.22 38.83 5.61
CA ASN A 334 -4.57 38.52 4.22
C ASN A 334 -5.02 37.08 4.03
N LEU A 335 -4.87 36.22 5.06
CA LEU A 335 -5.54 34.92 4.99
C LEU A 335 -7.05 35.10 4.86
N GLY A 336 -7.63 36.01 5.64
CA GLY A 336 -9.05 36.24 5.62
C GLY A 336 -9.79 35.42 6.65
N PRO A 337 -11.12 35.41 6.59
CA PRO A 337 -11.90 34.62 7.54
C PRO A 337 -11.71 33.13 7.32
N ILE A 338 -11.94 32.37 8.38
CA ILE A 338 -11.80 30.91 8.30
C ILE A 338 -12.97 30.35 7.50
N LYS A 339 -12.64 29.47 6.55
CA LYS A 339 -13.67 28.84 5.73
C LYS A 339 -14.33 27.69 6.48
N PHE A 340 -15.46 27.23 5.95
CA PHE A 340 -16.15 26.08 6.54
C PHE A 340 -15.30 24.82 6.43
N ALA A 341 -14.61 24.66 5.29
CA ALA A 341 -13.76 23.47 5.11
C ALA A 341 -12.64 23.44 6.13
N GLU A 342 -12.03 24.60 6.41
CA GLU A 342 -10.92 24.65 7.36
C GLU A 342 -11.38 24.23 8.75
N GLN A 343 -12.51 24.77 9.22
CA GLN A 343 -12.97 24.42 10.55
C GLN A 343 -13.47 22.97 10.60
N ALA A 344 -14.06 22.48 9.51
CA ALA A 344 -14.46 21.08 9.47
C ALA A 344 -13.26 20.16 9.59
N VAL A 345 -12.19 20.45 8.84
CA VAL A 345 -10.98 19.65 8.91
C VAL A 345 -10.36 19.74 10.30
N PHE A 346 -10.39 20.94 10.89
CA PHE A 346 -9.83 21.12 12.24
C PHE A 346 -10.61 20.31 13.26
N ILE A 347 -11.94 20.28 13.15
CA ILE A 347 -12.76 19.51 14.07
C ILE A 347 -12.53 18.02 13.88
N LEU A 348 -12.38 17.57 12.63
CA LEU A 348 -12.03 16.17 12.39
C LEU A 348 -10.68 15.83 13.02
N PHE A 349 -9.70 16.72 12.91
CA PHE A 349 -8.40 16.47 13.51
C PHE A 349 -8.48 16.40 15.02
N CYS A 350 -9.23 17.32 15.64
CA CYS A 350 -9.39 17.30 17.08
C CYS A 350 -10.11 16.03 17.54
N MET A 351 -11.14 15.61 16.80
CA MET A 351 -11.85 14.39 17.14
C MET A 351 -10.93 13.18 17.02
N PHE A 352 -10.10 13.15 15.98
CA PHE A 352 -9.13 12.07 15.82
C PHE A 352 -8.17 12.02 16.99
N ALA A 353 -7.65 13.18 17.41
CA ALA A 353 -6.74 13.23 18.55
C ALA A 353 -7.42 12.77 19.83
N ILE A 354 -8.64 13.24 20.08
CA ILE A 354 -9.34 12.89 21.31
C ILE A 354 -9.65 11.40 21.35
N LEU A 355 -10.14 10.85 20.24
CA LEU A 355 -10.43 9.43 20.19
C LEU A 355 -9.16 8.59 20.28
N LEU A 356 -8.04 9.12 19.82
CA LEU A 356 -6.76 8.43 20.04
C LEU A 356 -6.42 8.40 21.52
N PHE A 357 -6.52 9.54 22.19
CA PHE A 357 -6.18 9.59 23.61
C PHE A 357 -7.16 8.76 24.44
N THR A 358 -8.45 8.88 24.17
CA THR A 358 -9.47 8.24 24.99
C THR A 358 -9.78 6.82 24.57
N ARG A 359 -9.08 6.28 23.57
CA ARG A 359 -9.36 4.91 23.13
C ARG A 359 -9.09 3.91 24.23
N ASP A 360 -7.90 3.96 24.82
CA ASP A 360 -7.56 3.00 25.86
C ASP A 360 -6.39 3.49 26.71
N PRO A 361 -6.59 4.49 27.56
CA PRO A 361 -5.57 4.79 28.57
C PRO A 361 -5.48 3.65 29.56
N LYS A 362 -4.29 3.48 30.13
CA LYS A 362 -4.07 2.37 31.06
C LYS A 362 -4.29 2.76 32.51
N PHE A 363 -4.65 4.02 32.79
CA PHE A 363 -5.05 4.42 34.13
C PHE A 363 -6.54 4.63 34.28
N ILE A 364 -7.23 5.01 33.22
CA ILE A 364 -8.69 5.05 33.20
C ILE A 364 -9.16 4.29 31.95
N PRO A 365 -10.14 3.40 32.07
CA PRO A 365 -10.60 2.67 30.89
C PRO A 365 -11.15 3.60 29.81
N GLY A 366 -10.87 3.26 28.55
CA GLY A 366 -11.38 4.01 27.43
C GLY A 366 -12.54 3.29 26.76
N TRP A 367 -13.03 3.91 25.68
CA TRP A 367 -14.19 3.35 24.98
C TRP A 367 -13.88 2.03 24.28
N ALA A 368 -12.61 1.66 24.16
CA ALA A 368 -12.27 0.34 23.63
C ALA A 368 -12.70 -0.79 24.56
N SER A 369 -13.05 -0.48 25.81
CA SER A 369 -13.54 -1.50 26.74
C SER A 369 -15.00 -1.85 26.52
N LEU A 370 -15.73 -1.06 25.74
CA LEU A 370 -17.12 -1.36 25.42
C LEU A 370 -17.27 -2.45 24.38
N PHE A 371 -16.18 -2.87 23.75
CA PHE A 371 -16.19 -3.86 22.69
C PHE A 371 -15.39 -5.08 23.12
N ASN A 372 -15.15 -5.99 22.18
CA ASN A 372 -14.40 -7.20 22.48
C ASN A 372 -12.97 -6.84 22.90
N PRO A 373 -12.39 -7.60 23.82
CA PRO A 373 -11.04 -7.28 24.30
C PRO A 373 -10.00 -7.45 23.21
N GLY A 374 -9.25 -6.37 22.94
CA GLY A 374 -8.15 -6.44 22.00
C GLY A 374 -8.56 -6.52 20.56
N PHE A 375 -9.82 -6.25 20.24
CA PHE A 375 -10.28 -6.21 18.86
C PHE A 375 -10.05 -4.86 18.20
N LEU A 376 -9.88 -3.80 18.98
CA LEU A 376 -9.74 -2.45 18.46
C LEU A 376 -8.31 -1.96 18.63
N SER A 377 -7.95 -0.96 17.83
CA SER A 377 -6.62 -0.37 17.88
C SER A 377 -6.71 1.03 17.30
N ASP A 378 -5.56 1.70 17.23
CA ASP A 378 -5.52 3.05 16.68
C ASP A 378 -5.85 3.06 15.19
N ALA A 379 -5.64 1.93 14.51
CA ALA A 379 -5.97 1.85 13.09
C ALA A 379 -7.46 2.04 12.86
N VAL A 380 -8.29 1.40 13.70
CA VAL A 380 -9.74 1.54 13.54
C VAL A 380 -10.15 2.98 13.67
N THR A 381 -9.64 3.67 14.71
CA THR A 381 -9.96 5.08 14.90
C THR A 381 -9.50 5.92 13.72
N GLY A 382 -8.26 5.69 13.26
CA GLY A 382 -7.74 6.48 12.16
C GLY A 382 -8.54 6.32 10.89
N VAL A 383 -8.84 5.08 10.52
CA VAL A 383 -9.59 4.83 9.30
C VAL A 383 -11.02 5.36 9.43
N ALA A 384 -11.65 5.16 10.59
CA ALA A 384 -13.01 5.66 10.77
C ALA A 384 -13.06 7.18 10.67
N ILE A 385 -12.08 7.88 11.24
CA ILE A 385 -12.07 9.33 11.16
C ILE A 385 -11.78 9.80 9.74
N VAL A 386 -10.83 9.14 9.07
CA VAL A 386 -10.43 9.64 7.76
C VAL A 386 -11.48 9.32 6.70
N THR A 387 -12.29 8.28 6.92
CA THR A 387 -13.36 7.98 5.97
C THR A 387 -14.34 9.14 5.83
N ILE A 388 -14.54 9.90 6.90
CA ILE A 388 -15.43 11.04 6.86
C ILE A 388 -14.91 12.11 5.90
N LEU A 389 -13.58 12.26 5.81
CA LEU A 389 -12.99 13.27 4.94
C LEU A 389 -13.35 13.05 3.47
N PHE A 390 -13.66 11.82 3.07
CA PHE A 390 -13.89 11.51 1.67
C PHE A 390 -15.33 11.70 1.24
N PHE A 391 -16.25 11.97 2.16
CA PHE A 391 -17.64 12.25 1.80
C PHE A 391 -18.23 13.48 2.47
N PHE A 392 -17.63 13.98 3.55
CA PHE A 392 -18.17 15.18 4.19
C PHE A 392 -18.05 16.36 3.24
N PRO A 393 -19.12 17.13 3.05
CA PRO A 393 -19.05 18.25 2.09
C PRO A 393 -18.03 19.29 2.53
N SER A 394 -17.39 19.92 1.54
CA SER A 394 -16.42 20.96 1.79
C SER A 394 -17.03 22.35 1.80
N GLN A 395 -18.35 22.45 1.64
CA GLN A 395 -19.05 23.72 1.69
C GLN A 395 -20.15 23.65 2.74
N ARG A 396 -20.53 24.80 3.27
CA ARG A 396 -21.56 24.84 4.29
C ARG A 396 -22.90 24.45 3.70
N PRO A 397 -23.54 23.39 4.18
CA PRO A 397 -24.83 22.98 3.60
C PRO A 397 -25.98 23.79 4.18
N SER A 398 -26.94 24.12 3.32
CA SER A 398 -28.09 24.90 3.70
C SER A 398 -29.36 24.15 3.35
N LEU A 399 -30.33 24.13 4.27
CA LEU A 399 -31.61 23.49 4.00
C LEU A 399 -32.40 24.25 2.94
N LYS A 400 -32.14 25.56 2.80
CA LYS A 400 -32.85 26.37 1.82
C LYS A 400 -32.49 26.00 0.38
N TRP A 401 -31.46 25.20 0.17
CA TRP A 401 -31.14 24.73 -1.17
C TRP A 401 -32.25 23.87 -1.74
N TRP A 402 -32.85 23.01 -0.92
CA TRP A 402 -33.95 22.17 -1.38
C TRP A 402 -35.13 23.01 -1.82
N PHE A 403 -35.47 24.04 -1.05
CA PHE A 403 -36.63 24.87 -1.39
C PHE A 403 -36.34 25.81 -2.56
N ASP A 404 -35.08 26.24 -2.71
CA ASP A 404 -34.69 27.13 -3.80
C ASP A 404 -34.54 26.28 -5.07
N PHE A 405 -35.63 26.17 -5.82
CA PHE A 405 -35.61 25.37 -7.04
C PHE A 405 -34.82 26.04 -8.17
N LYS A 406 -34.55 27.33 -8.05
CA LYS A 406 -33.77 28.03 -9.06
C LYS A 406 -32.26 27.86 -8.87
N ALA A 407 -31.82 27.40 -7.70
CA ALA A 407 -30.40 27.19 -7.48
C ALA A 407 -29.89 26.04 -8.33
N PRO A 408 -28.65 26.14 -8.84
CA PRO A 408 -28.10 25.06 -9.65
C PRO A 408 -27.90 23.79 -8.83
N ASN A 409 -28.08 22.66 -9.49
CA ASN A 409 -27.90 21.35 -8.87
C ASN A 409 -26.50 20.80 -9.18
N THR A 410 -25.49 21.52 -8.70
CA THR A 410 -24.10 21.15 -8.89
C THR A 410 -23.60 20.41 -7.66
N GLU A 411 -22.95 19.27 -7.86
CA GLU A 411 -22.46 18.48 -6.75
C GLU A 411 -21.34 19.20 -6.03
N THR A 412 -21.24 18.95 -4.72
CA THR A 412 -20.23 19.56 -3.88
C THR A 412 -19.03 18.63 -3.74
N GLU A 413 -17.84 19.19 -3.81
CA GLU A 413 -16.64 18.40 -3.63
C GLU A 413 -16.50 18.02 -2.16
N PRO A 414 -16.15 16.77 -1.84
CA PRO A 414 -15.93 16.41 -0.44
C PRO A 414 -14.72 17.10 0.14
N LEU A 415 -14.44 16.87 1.43
CA LEU A 415 -13.30 17.53 2.08
C LEU A 415 -12.00 17.12 1.40
N LEU A 416 -11.93 15.89 0.90
CA LEU A 416 -10.71 15.40 0.25
C LEU A 416 -11.10 14.34 -0.77
N THR A 417 -10.81 14.61 -2.04
CA THR A 417 -11.00 13.61 -3.08
C THR A 417 -9.86 12.60 -3.04
N TRP A 418 -10.13 11.39 -3.54
CA TRP A 418 -9.11 10.35 -3.48
C TRP A 418 -7.96 10.64 -4.44
N LYS A 419 -8.20 11.39 -5.50
CA LYS A 419 -7.12 11.72 -6.43
C LYS A 419 -6.02 12.48 -5.71
N LYS A 420 -6.38 13.53 -4.97
CA LYS A 420 -5.40 14.33 -4.26
C LYS A 420 -4.74 13.53 -3.15
N ALA A 421 -5.51 12.66 -2.49
CA ALA A 421 -4.93 11.81 -1.45
C ALA A 421 -3.86 10.90 -2.02
N GLN A 422 -4.17 10.22 -3.13
CA GLN A 422 -3.18 9.36 -3.77
C GLN A 422 -1.98 10.17 -4.25
N GLU A 423 -2.21 11.40 -4.70
CA GLU A 423 -1.11 12.26 -5.09
C GLU A 423 -0.20 12.58 -3.91
N THR A 424 -0.77 12.85 -2.74
CA THR A 424 -0.04 13.40 -1.61
C THR A 424 0.01 12.48 -0.41
N VAL A 425 0.25 11.18 -0.64
CA VAL A 425 0.52 10.23 0.43
C VAL A 425 1.80 9.46 0.10
N PRO A 426 2.78 9.42 1.00
CA PRO A 426 4.02 8.65 0.78
C PRO A 426 3.86 7.15 1.01
N TRP A 427 3.38 6.45 -0.02
CA TRP A 427 3.27 5.00 0.05
C TRP A 427 4.64 4.34 0.20
N ASN A 428 5.70 5.02 -0.22
CA ASN A 428 7.04 4.48 -0.07
C ASN A 428 7.35 4.15 1.37
N ILE A 429 6.93 5.02 2.29
CA ILE A 429 7.25 4.78 3.69
C ILE A 429 6.22 3.88 4.36
N ILE A 430 5.04 3.72 3.77
CA ILE A 430 4.20 2.58 4.12
C ILE A 430 4.98 1.29 3.89
N LEU A 431 5.59 1.16 2.71
CA LEU A 431 6.44 0.02 2.44
C LEU A 431 7.64 -0.05 3.38
N LEU A 432 8.15 1.11 3.81
CA LEU A 432 9.28 1.15 4.73
C LEU A 432 8.91 0.55 6.09
N LEU A 433 7.79 0.99 6.68
CA LEU A 433 7.32 0.36 7.91
C LEU A 433 7.08 -1.12 7.70
N GLY A 434 6.56 -1.50 6.53
CA GLY A 434 6.37 -2.91 6.25
C GLY A 434 7.67 -3.70 6.29
N GLY A 435 8.70 -3.17 5.64
CA GLY A 435 9.99 -3.84 5.66
C GLY A 435 10.54 -3.95 7.07
N GLY A 436 10.33 -2.92 7.88
CA GLY A 436 10.75 -2.99 9.27
C GLY A 436 10.06 -4.10 10.03
N PHE A 437 8.74 -4.21 9.85
CA PHE A 437 8.00 -5.26 10.53
C PHE A 437 8.43 -6.64 10.06
N ALA A 438 8.73 -6.78 8.76
CA ALA A 438 9.24 -8.05 8.26
C ALA A 438 10.59 -8.38 8.86
N MET A 439 11.47 -7.39 8.99
CA MET A 439 12.74 -7.61 9.67
C MET A 439 12.51 -8.13 11.06
N ALA A 440 11.57 -7.51 11.79
CA ALA A 440 11.27 -7.94 13.15
C ALA A 440 10.79 -9.39 13.18
N LYS A 441 9.86 -9.74 12.29
CA LYS A 441 9.30 -11.09 12.34
C LYS A 441 10.32 -12.13 11.87
N GLY A 442 11.14 -11.78 10.88
CA GLY A 442 12.19 -12.69 10.46
C GLY A 442 13.20 -12.95 11.57
N CYS A 443 13.56 -11.89 12.30
CA CYS A 443 14.45 -12.06 13.44
C CYS A 443 13.81 -12.93 14.52
N GLU A 444 12.53 -12.73 14.78
CA GLU A 444 11.86 -13.49 15.85
C GLU A 444 11.52 -14.92 15.43
N GLU A 445 11.45 -15.20 14.14
CA GLU A 445 11.09 -16.53 13.67
C GLU A 445 12.28 -17.39 13.26
N SER A 446 13.39 -16.76 12.85
CA SER A 446 14.58 -17.51 12.53
C SER A 446 15.39 -17.90 13.76
N GLY A 447 15.02 -17.41 14.94
CA GLY A 447 15.77 -17.68 16.13
C GLY A 447 16.95 -16.76 16.37
N LEU A 448 17.06 -15.67 15.59
CA LEU A 448 18.18 -14.75 15.78
C LEU A 448 18.10 -14.07 17.14
N SER A 449 16.89 -13.69 17.57
CA SER A 449 16.73 -13.01 18.84
C SER A 449 17.14 -13.92 20.00
N VAL A 450 16.69 -15.17 19.97
CA VAL A 450 17.06 -16.12 21.02
C VAL A 450 18.56 -16.38 20.99
N TRP A 451 19.15 -16.43 19.79
CA TRP A 451 20.59 -16.62 19.68
C TRP A 451 21.34 -15.46 20.30
N ILE A 452 20.89 -14.22 20.05
CA ILE A 452 21.54 -13.06 20.63
C ILE A 452 21.41 -13.07 22.15
N GLY A 453 20.22 -13.39 22.65
CA GLY A 453 20.03 -13.47 24.09
C GLY A 453 20.92 -14.51 24.74
N GLY A 454 21.07 -15.67 24.08
CA GLY A 454 21.95 -16.69 24.61
C GLY A 454 23.42 -16.30 24.55
N GLN A 455 23.82 -15.62 23.47
CA GLN A 455 25.22 -15.25 23.32
C GLN A 455 25.60 -14.12 24.26
N LEU A 456 24.63 -13.32 24.70
CA LEU A 456 24.92 -12.24 25.64
C LEU A 456 25.17 -12.74 27.05
N HIS A 457 24.98 -14.04 27.31
CA HIS A 457 25.10 -14.62 28.65
C HIS A 457 26.41 -14.32 29.36
N PRO A 458 27.61 -14.47 28.76
CA PRO A 458 28.84 -14.39 29.55
C PRO A 458 29.13 -13.00 30.14
N LEU A 459 28.20 -12.07 29.97
CA LEU A 459 28.35 -10.75 30.58
C LEU A 459 28.07 -10.76 32.10
N GLU A 460 27.96 -11.95 32.69
CA GLU A 460 27.68 -12.12 34.11
C GLU A 460 28.93 -12.12 34.97
N ASN A 461 30.11 -11.95 34.38
CA ASN A 461 31.38 -11.95 35.11
C ASN A 461 31.99 -10.56 35.16
N VAL A 462 31.15 -9.54 35.33
CA VAL A 462 31.59 -8.15 35.33
C VAL A 462 30.89 -7.44 36.50
N PRO A 463 31.49 -6.40 37.07
CA PRO A 463 30.80 -5.65 38.14
C PRO A 463 29.46 -5.13 37.68
N PRO A 464 28.48 -5.07 38.58
CA PRO A 464 27.10 -4.74 38.16
C PRO A 464 26.95 -3.41 37.46
N ALA A 465 27.74 -2.40 37.81
CA ALA A 465 27.64 -1.11 37.12
C ALA A 465 28.05 -1.23 35.66
N LEU A 466 29.20 -1.87 35.41
CA LEU A 466 29.59 -2.13 34.03
C LEU A 466 28.58 -3.04 33.34
N ALA A 467 28.01 -3.98 34.09
CA ALA A 467 27.00 -4.88 33.50
C ALA A 467 25.81 -4.09 32.99
N VAL A 468 25.24 -3.21 33.83
CA VAL A 468 24.06 -2.46 33.43
C VAL A 468 24.40 -1.47 32.32
N LEU A 469 25.60 -0.88 32.36
CA LEU A 469 26.00 0.02 31.28
C LEU A 469 26.09 -0.72 29.96
N LEU A 470 26.68 -1.91 29.96
CA LEU A 470 26.82 -2.68 28.73
C LEU A 470 25.47 -3.17 28.23
N ILE A 471 24.58 -3.57 29.14
CA ILE A 471 23.22 -3.92 28.74
C ILE A 471 22.53 -2.73 28.08
N THR A 472 22.66 -1.54 28.68
CA THR A 472 22.04 -0.36 28.12
C THR A 472 22.56 -0.08 26.72
N VAL A 473 23.87 -0.18 26.53
CA VAL A 473 24.43 0.16 25.22
C VAL A 473 24.07 -0.90 24.18
N VAL A 474 24.07 -2.18 24.56
CA VAL A 474 23.77 -3.22 23.59
C VAL A 474 22.30 -3.18 23.20
N ILE A 475 21.41 -2.88 24.15
CA ILE A 475 20.00 -2.77 23.83
C ILE A 475 19.74 -1.52 22.99
N ALA A 476 20.42 -0.42 23.30
CA ALA A 476 20.24 0.80 22.52
C ALA A 476 20.71 0.62 21.09
N PHE A 477 21.77 -0.16 20.88
CA PHE A 477 22.20 -0.44 19.50
C PHE A 477 21.30 -1.47 18.83
N PHE A 478 20.84 -2.47 19.58
CA PHE A 478 19.98 -3.51 19.01
C PHE A 478 18.65 -2.93 18.58
N THR A 479 18.07 -2.04 19.37
CA THR A 479 16.76 -1.48 19.07
C THR A 479 16.78 -0.54 17.88
N GLU A 480 17.96 -0.21 17.35
CA GLU A 480 18.02 0.53 16.10
C GLU A 480 17.58 -0.34 14.93
N PHE A 481 17.50 -1.65 15.11
CA PHE A 481 17.10 -2.58 14.07
C PHE A 481 15.72 -3.20 14.32
N ALA A 482 15.40 -3.50 15.57
CA ALA A 482 14.09 -4.05 15.91
C ALA A 482 13.23 -3.00 16.60
N SER A 483 11.93 -3.23 16.57
CA SER A 483 11.00 -2.33 17.24
C SER A 483 11.16 -2.45 18.75
N ASN A 484 10.75 -1.38 19.45
CA ASN A 484 10.95 -1.33 20.90
C ASN A 484 10.21 -2.46 21.60
N THR A 485 8.96 -2.72 21.19
CA THR A 485 8.21 -3.82 21.78
C THR A 485 8.90 -5.15 21.55
N ALA A 486 9.37 -5.38 20.33
CA ALA A 486 10.04 -6.64 20.01
C ALA A 486 11.29 -6.82 20.84
N THR A 487 12.15 -5.78 20.88
CA THR A 487 13.42 -5.93 21.59
C THR A 487 13.20 -6.07 23.09
N ILE A 488 12.21 -5.38 23.65
CA ILE A 488 11.98 -5.52 25.08
C ILE A 488 11.43 -6.92 25.39
N ILE A 489 10.55 -7.45 24.54
CA ILE A 489 10.08 -8.82 24.73
C ILE A 489 11.25 -9.79 24.64
N ILE A 490 12.19 -9.54 23.75
CA ILE A 490 13.34 -10.42 23.58
C ILE A 490 14.22 -10.40 24.83
N PHE A 491 14.55 -9.20 25.32
CA PHE A 491 15.61 -9.07 26.31
C PHE A 491 15.13 -9.13 27.76
N LEU A 492 13.86 -8.82 28.04
CA LEU A 492 13.44 -8.68 29.42
C LEU A 492 13.57 -9.97 30.23
N PRO A 493 13.11 -11.14 29.75
CA PRO A 493 13.39 -12.37 30.52
C PRO A 493 14.87 -12.65 30.67
N VAL A 494 15.66 -12.30 29.66
CA VAL A 494 17.11 -12.44 29.76
C VAL A 494 17.65 -11.55 30.88
N LEU A 495 17.14 -10.32 30.98
CA LEU A 495 17.55 -9.44 32.06
C LEU A 495 17.17 -10.01 33.42
N ALA A 496 15.96 -10.56 33.53
CA ALA A 496 15.53 -11.11 34.81
C ALA A 496 16.42 -12.29 35.22
N GLU A 497 16.69 -13.20 34.29
CA GLU A 497 17.50 -14.36 34.63
C GLU A 497 18.95 -13.98 34.89
N LEU A 498 19.46 -12.96 34.19
CA LEU A 498 20.81 -12.47 34.47
C LEU A 498 20.89 -11.87 35.87
N ALA A 499 19.88 -11.09 36.25
CA ALA A 499 19.86 -10.52 37.59
C ALA A 499 19.80 -11.60 38.65
N ILE A 500 18.97 -12.62 38.42
CA ILE A 500 18.87 -13.72 39.38
C ILE A 500 20.20 -14.47 39.49
N ARG A 501 20.83 -14.77 38.36
CA ARG A 501 22.08 -15.52 38.38
C ARG A 501 23.21 -14.70 39.01
N LEU A 502 23.24 -13.40 38.75
CA LEU A 502 24.30 -12.53 39.22
C LEU A 502 24.10 -12.08 40.67
N ARG A 503 22.97 -12.44 41.28
CA ARG A 503 22.64 -12.06 42.66
C ARG A 503 22.61 -10.55 42.82
N VAL A 504 21.83 -9.92 41.95
CA VAL A 504 21.55 -8.49 42.02
C VAL A 504 20.03 -8.32 41.99
N HIS A 505 19.54 -7.26 42.60
CA HIS A 505 18.11 -7.01 42.64
C HIS A 505 17.61 -6.80 41.22
N PRO A 506 16.56 -7.51 40.78
CA PRO A 506 16.24 -7.55 39.34
C PRO A 506 15.98 -6.18 38.73
N LEU A 507 15.30 -5.29 39.45
CA LEU A 507 14.89 -4.02 38.88
C LEU A 507 16.09 -3.24 38.32
N TYR A 508 17.26 -3.39 38.95
CA TYR A 508 18.46 -2.68 38.54
C TYR A 508 18.80 -2.96 37.08
N LEU A 509 18.35 -4.11 36.55
CA LEU A 509 18.48 -4.38 35.13
C LEU A 509 17.16 -4.33 34.37
N MET A 510 16.02 -4.55 35.03
CA MET A 510 14.75 -4.47 34.31
C MET A 510 14.49 -3.05 33.79
N ILE A 511 14.57 -2.03 34.67
CA ILE A 511 14.27 -0.67 34.22
C ILE A 511 15.23 -0.15 33.16
N PRO A 512 16.57 -0.26 33.31
CA PRO A 512 17.44 0.31 32.26
C PRO A 512 17.21 -0.31 30.89
N GLY A 513 16.90 -1.60 30.83
CA GLY A 513 16.59 -2.20 29.54
C GLY A 513 15.33 -1.63 28.92
N THR A 514 14.29 -1.42 29.75
CA THR A 514 13.05 -0.85 29.25
C THR A 514 13.26 0.58 28.76
N VAL A 515 14.08 1.36 29.46
CA VAL A 515 14.35 2.71 29.01
C VAL A 515 15.20 2.71 27.75
N GLY A 516 16.18 1.79 27.68
CA GLY A 516 17.06 1.74 26.53
C GLY A 516 16.36 1.31 25.26
N CYS A 517 15.42 0.35 25.38
CA CYS A 517 14.71 -0.11 24.19
C CYS A 517 13.94 1.02 23.53
N SER A 518 13.63 2.08 24.27
CA SER A 518 13.02 3.26 23.69
C SER A 518 14.03 4.20 23.03
N PHE A 519 15.33 3.98 23.24
CA PHE A 519 16.37 4.82 22.64
C PHE A 519 16.66 4.32 21.23
N ALA A 520 15.80 4.73 20.30
CA ALA A 520 15.91 4.35 18.89
C ALA A 520 15.94 5.63 18.05
N PHE A 521 17.13 5.99 17.55
CA PHE A 521 17.31 7.26 16.87
C PHE A 521 18.09 7.19 15.57
N MET A 522 18.58 6.03 15.15
CA MET A 522 19.51 5.98 14.03
C MET A 522 18.89 5.50 12.73
N LEU A 523 17.92 4.59 12.76
CA LEU A 523 17.42 3.99 11.53
C LEU A 523 15.91 4.16 11.42
N PRO A 524 15.38 4.21 10.20
CA PRO A 524 13.91 4.21 10.05
C PRO A 524 13.26 2.97 10.63
N VAL A 525 13.94 1.82 10.54
CA VAL A 525 13.41 0.57 11.08
C VAL A 525 13.37 0.59 12.61
N SER A 526 14.15 1.46 13.24
CA SER A 526 14.26 1.46 14.70
C SER A 526 12.90 1.71 15.35
N THR A 527 12.18 2.72 14.89
CA THR A 527 10.87 3.02 15.42
C THR A 527 10.04 3.70 14.33
N PRO A 528 8.73 3.43 14.28
CA PRO A 528 7.90 4.01 13.22
C PRO A 528 7.92 5.52 13.21
N PRO A 529 8.09 6.20 14.36
CA PRO A 529 8.29 7.65 14.31
C PRO A 529 9.38 8.11 13.36
N ASN A 530 10.49 7.36 13.26
CA ASN A 530 11.57 7.76 12.35
C ASN A 530 11.09 7.75 10.90
N SER A 531 10.34 6.72 10.51
CA SER A 531 9.79 6.66 9.16
C SER A 531 8.76 7.77 8.94
N ILE A 532 7.94 8.05 9.94
CA ILE A 532 6.98 9.14 9.83
C ILE A 532 7.70 10.46 9.62
N ALA A 533 8.84 10.64 10.28
CA ALA A 533 9.67 11.81 10.00
C ALA A 533 10.20 11.79 8.57
N PHE A 534 10.63 10.62 8.10
CA PHE A 534 11.12 10.48 6.73
C PHE A 534 10.05 10.83 5.70
N ALA A 535 8.76 10.74 6.08
CA ALA A 535 7.64 10.99 5.18
C ALA A 535 7.81 12.22 4.28
N SER A 536 8.46 13.27 4.79
CA SER A 536 8.66 14.47 4.00
C SER A 536 9.51 14.19 2.76
N GLY A 537 10.55 13.36 2.92
CA GLY A 537 11.43 13.02 1.83
C GLY A 537 12.69 13.84 1.74
N HIS A 538 12.76 14.99 2.41
CA HIS A 538 13.97 15.81 2.41
C HIS A 538 14.97 15.37 3.47
N LEU A 539 14.60 14.44 4.34
CA LEU A 539 15.48 13.96 5.39
C LEU A 539 16.21 12.71 4.90
N LEU A 540 17.54 12.76 4.90
CA LEU A 540 18.35 11.62 4.49
C LEU A 540 18.71 10.77 5.69
N VAL A 541 19.00 9.50 5.43
CA VAL A 541 19.39 8.60 6.52
C VAL A 541 20.74 8.99 7.10
N LYS A 542 21.60 9.65 6.32
CA LYS A 542 22.94 9.97 6.80
C LYS A 542 22.92 10.93 7.98
N ASP A 543 22.15 12.02 7.87
CA ASP A 543 22.10 12.97 8.99
C ASP A 543 21.34 12.40 10.17
N MET A 544 20.34 11.56 9.92
CA MET A 544 19.64 10.89 11.01
C MET A 544 20.60 10.00 11.79
N VAL A 545 21.46 9.25 11.10
CA VAL A 545 22.47 8.43 11.79
C VAL A 545 23.47 9.33 12.51
N ARG A 546 23.88 10.43 11.87
CA ARG A 546 24.83 11.35 12.49
C ARG A 546 24.31 11.84 13.83
N THR A 547 23.04 12.25 13.88
CA THR A 547 22.45 12.65 15.16
C THR A 547 22.27 11.46 16.08
N GLY A 548 21.95 10.30 15.52
CA GLY A 548 21.61 9.14 16.33
C GLY A 548 22.76 8.60 17.15
N LEU A 549 23.98 8.64 16.60
CA LEU A 549 25.14 8.24 17.41
C LEU A 549 25.20 9.00 18.73
N LEU A 550 25.30 10.34 18.65
CA LEU A 550 25.41 11.12 19.87
C LEU A 550 24.15 11.02 20.71
N MET A 551 22.98 10.91 20.08
CA MET A 551 21.74 10.83 20.84
C MET A 551 21.71 9.55 21.67
N ASN A 552 22.10 8.43 21.07
CA ASN A 552 22.17 7.16 21.80
C ASN A 552 23.20 7.21 22.91
N LEU A 553 24.39 7.78 22.63
CA LEU A 553 25.42 7.85 23.65
C LEU A 553 24.96 8.69 24.83
N MET A 554 24.36 9.84 24.55
CA MET A 554 23.86 10.72 25.61
C MET A 554 22.74 10.06 26.40
N GLY A 555 21.85 9.34 25.71
CA GLY A 555 20.80 8.62 26.41
C GLY A 555 21.33 7.55 27.33
N VAL A 556 22.33 6.79 26.86
CA VAL A 556 22.95 5.77 27.69
C VAL A 556 23.61 6.39 28.91
N LEU A 557 24.33 7.50 28.71
CA LEU A 557 24.98 8.17 29.83
C LEU A 557 23.96 8.65 30.85
N LEU A 558 22.90 9.30 30.40
CA LEU A 558 21.89 9.82 31.32
C LEU A 558 21.16 8.69 32.04
N LEU A 559 20.87 7.59 31.33
CA LEU A 559 20.21 6.46 31.96
C LEU A 559 21.09 5.83 33.04
N SER A 560 22.38 5.69 32.76
CA SER A 560 23.29 5.15 33.77
C SER A 560 23.38 6.09 34.97
N LEU A 561 23.47 7.39 34.73
CA LEU A 561 23.51 8.35 35.83
C LEU A 561 22.24 8.27 36.67
N ALA A 562 21.09 8.18 36.03
CA ALA A 562 19.83 8.09 36.76
C ALA A 562 19.75 6.81 37.58
N MET A 563 20.17 5.69 36.98
CA MET A 563 20.08 4.41 37.70
C MET A 563 21.06 4.35 38.85
N ASN A 564 22.19 5.04 38.76
CA ASN A 564 23.19 4.98 39.82
C ASN A 564 23.10 6.14 40.80
N THR A 565 22.24 7.13 40.58
CA THR A 565 22.16 8.29 41.48
C THR A 565 20.86 8.34 42.26
N TRP A 566 19.70 8.37 41.59
CA TRP A 566 18.43 8.54 42.30
C TRP A 566 17.45 7.40 42.11
N ALA A 567 17.70 6.47 41.18
CA ALA A 567 16.86 5.29 41.10
C ALA A 567 17.16 4.28 42.19
N GLN A 568 18.31 4.43 42.87
CA GLN A 568 18.63 3.53 43.98
C GLN A 568 17.63 3.69 45.12
N THR A 569 17.22 4.92 45.40
CA THR A 569 16.33 5.19 46.53
C THR A 569 14.86 5.09 46.17
N ILE A 570 14.48 5.51 44.96
CA ILE A 570 13.08 5.52 44.58
C ILE A 570 12.52 4.10 44.56
N PHE A 571 13.24 3.17 43.94
CA PHE A 571 12.81 1.78 43.86
C PHE A 571 13.41 0.90 44.95
N GLN A 572 14.24 1.47 45.82
CA GLN A 572 14.90 0.71 46.89
C GLN A 572 15.65 -0.49 46.32
N LEU A 573 16.31 -0.28 45.17
CA LEU A 573 17.01 -1.34 44.47
C LEU A 573 18.47 -1.45 44.87
N GLY A 574 18.93 -0.66 45.83
CA GLY A 574 20.30 -0.79 46.29
C GLY A 574 20.54 -1.93 47.25
N THR A 575 19.48 -2.62 47.68
CA THR A 575 19.59 -3.73 48.61
C THR A 575 18.94 -4.97 48.02
N PHE A 576 19.55 -6.12 48.29
CA PHE A 576 19.02 -7.40 47.82
C PHE A 576 19.58 -8.55 48.66
N MET B 1 -45.93 19.00 -13.60
CA MET B 1 -45.04 18.15 -14.36
C MET B 1 -43.59 18.60 -14.20
N ALA B 2 -43.36 19.91 -14.36
CA ALA B 2 -42.01 20.44 -14.21
C ALA B 2 -41.51 20.34 -12.77
N ALA B 3 -42.43 20.41 -11.80
CA ALA B 3 -42.04 20.28 -10.40
C ALA B 3 -41.45 18.90 -10.12
N LEU B 4 -42.07 17.85 -10.67
CA LEU B 4 -41.55 16.50 -10.47
C LEU B 4 -40.16 16.34 -11.09
N ALA B 5 -39.96 16.89 -12.29
CA ALA B 5 -38.65 16.82 -12.92
C ALA B 5 -37.60 17.58 -12.13
N ALA B 6 -37.96 18.76 -11.62
CA ALA B 6 -37.03 19.53 -10.80
C ALA B 6 -36.67 18.78 -9.53
N ALA B 7 -37.66 18.18 -8.86
CA ALA B 7 -37.39 17.41 -7.66
C ALA B 7 -36.50 16.21 -7.97
N ALA B 8 -36.75 15.53 -9.08
CA ALA B 8 -35.92 14.38 -9.46
C ALA B 8 -34.49 14.81 -9.72
N LYS B 9 -34.30 15.92 -10.42
CA LYS B 9 -32.94 16.41 -10.66
C LYS B 9 -32.26 16.80 -9.36
N LYS B 10 -32.99 17.44 -8.44
CA LYS B 10 -32.42 17.83 -7.17
C LYS B 10 -32.00 16.63 -6.33
N VAL B 11 -32.85 15.60 -6.29
CA VAL B 11 -32.51 14.41 -5.49
C VAL B 11 -31.38 13.63 -6.16
N TRP B 12 -31.31 13.66 -7.49
CA TRP B 12 -30.20 13.00 -8.18
C TRP B 12 -28.89 13.73 -7.97
N SER B 13 -28.96 15.06 -7.80
CA SER B 13 -27.74 15.83 -7.58
C SER B 13 -27.05 15.42 -6.29
N ALA B 14 -27.81 15.14 -5.24
CA ALA B 14 -27.27 14.71 -3.95
C ALA B 14 -27.43 13.21 -3.74
N ARG B 15 -27.25 12.43 -4.81
CA ARG B 15 -27.46 10.98 -4.71
C ARG B 15 -26.44 10.34 -3.77
N ARG B 16 -25.20 10.80 -3.80
CA ARG B 16 -24.14 10.15 -3.02
C ARG B 16 -24.41 10.24 -1.53
N LEU B 17 -24.68 11.44 -1.03
CA LEU B 17 -24.92 11.61 0.40
C LEU B 17 -26.17 10.85 0.83
N LEU B 18 -27.23 10.92 0.02
CA LEU B 18 -28.48 10.27 0.39
C LEU B 18 -28.31 8.75 0.44
N VAL B 19 -27.65 8.16 -0.56
CA VAL B 19 -27.46 6.71 -0.54
C VAL B 19 -26.53 6.32 0.60
N LEU B 20 -25.51 7.13 0.88
CA LEU B 20 -24.59 6.85 1.98
C LEU B 20 -25.34 6.82 3.31
N LEU B 21 -26.24 7.79 3.51
CA LEU B 21 -26.95 7.88 4.79
C LEU B 21 -28.02 6.80 4.91
N PHE B 22 -28.68 6.46 3.79
CA PHE B 22 -29.86 5.61 3.86
C PHE B 22 -29.59 4.14 3.63
N THR B 23 -28.42 3.78 3.10
CA THR B 23 -28.09 2.36 2.94
C THR B 23 -28.00 1.62 4.28
N PRO B 24 -27.28 2.11 5.30
CA PRO B 24 -27.29 1.38 6.57
C PRO B 24 -28.66 1.26 7.19
N LEU B 25 -29.48 2.31 7.09
CA LEU B 25 -30.84 2.25 7.64
C LEU B 25 -31.67 1.18 6.94
N ALA B 26 -31.56 1.09 5.62
CA ALA B 26 -32.25 0.03 4.91
C ALA B 26 -31.70 -1.35 5.26
N LEU B 27 -30.41 -1.42 5.60
CA LEU B 27 -29.78 -2.71 5.83
C LEU B 27 -29.78 -3.16 7.29
N LEU B 28 -30.30 -2.36 8.22
CA LEU B 28 -30.46 -2.85 9.59
C LEU B 28 -31.16 -4.20 9.70
N PRO B 29 -32.30 -4.46 9.06
CA PRO B 29 -33.07 -5.68 9.40
C PRO B 29 -32.34 -6.98 9.12
N VAL B 30 -31.33 -6.98 8.24
CA VAL B 30 -30.59 -8.23 8.00
C VAL B 30 -29.82 -8.62 9.24
N VAL B 31 -29.41 -7.65 10.06
CA VAL B 31 -28.74 -7.96 11.31
C VAL B 31 -29.67 -8.71 12.25
N PHE B 32 -30.91 -8.25 12.36
CA PHE B 32 -31.87 -8.89 13.25
C PHE B 32 -32.29 -10.26 12.72
N ALA B 33 -32.49 -10.37 11.40
CA ALA B 33 -33.00 -11.63 10.84
C ALA B 33 -32.01 -12.76 11.03
N LEU B 34 -30.73 -12.50 10.82
CA LEU B 34 -29.70 -13.52 10.86
C LEU B 34 -29.05 -13.59 12.24
N PRO B 35 -28.32 -14.66 12.53
CA PRO B 35 -27.54 -14.73 13.77
C PRO B 35 -26.60 -13.53 13.88
N PRO B 36 -26.17 -13.17 15.09
CA PRO B 36 -25.44 -11.90 15.29
C PRO B 36 -24.20 -11.75 14.42
N LYS B 37 -23.26 -12.70 14.53
CA LYS B 37 -22.01 -12.58 13.77
C LYS B 37 -22.28 -12.63 12.27
N GLU B 38 -23.06 -13.63 11.82
CA GLU B 38 -23.37 -13.75 10.41
C GLU B 38 -24.16 -12.54 9.92
N GLY B 39 -25.12 -12.07 10.72
CA GLY B 39 -25.91 -10.93 10.31
C GLY B 39 -25.07 -9.67 10.15
N ARG B 40 -24.17 -9.43 11.10
CA ARG B 40 -23.31 -8.26 11.01
C ARG B 40 -22.36 -8.36 9.82
N CYS B 41 -21.80 -9.54 9.58
CA CYS B 41 -20.91 -9.71 8.44
C CYS B 41 -21.66 -9.49 7.12
N LEU B 42 -22.87 -10.04 7.00
CA LEU B 42 -23.65 -9.81 5.78
C LEU B 42 -24.03 -8.35 5.64
N PHE B 43 -24.32 -7.68 6.76
CA PHE B 43 -24.64 -6.26 6.72
C PHE B 43 -23.48 -5.45 6.16
N VAL B 44 -22.28 -5.69 6.69
CA VAL B 44 -21.12 -4.92 6.20
C VAL B 44 -20.81 -5.28 4.75
N ILE B 45 -20.97 -6.55 4.38
CA ILE B 45 -20.71 -6.97 3.01
C ILE B 45 -21.65 -6.27 2.05
N LEU B 46 -22.94 -6.24 2.39
CA LEU B 46 -23.92 -5.58 1.52
C LEU B 46 -23.71 -4.07 1.50
N LEU B 47 -23.27 -3.49 2.62
CA LEU B 47 -22.97 -2.07 2.64
C LEU B 47 -21.83 -1.73 1.69
N MET B 48 -20.77 -2.54 1.72
CA MET B 48 -19.67 -2.33 0.79
C MET B 48 -20.12 -2.55 -0.65
N ALA B 49 -20.97 -3.55 -0.88
CA ALA B 49 -21.46 -3.80 -2.23
C ALA B 49 -22.24 -2.61 -2.77
N VAL B 50 -23.16 -2.07 -1.98
CA VAL B 50 -23.96 -0.94 -2.43
C VAL B 50 -23.09 0.30 -2.62
N TYR B 51 -22.14 0.53 -1.71
CA TYR B 51 -21.27 1.69 -1.83
C TYR B 51 -20.40 1.59 -3.08
N TRP B 52 -19.95 0.38 -3.41
CA TRP B 52 -19.16 0.19 -4.62
C TRP B 52 -19.99 0.42 -5.87
N CYS B 53 -21.18 -0.20 -5.93
CA CYS B 53 -22.00 -0.10 -7.13
C CYS B 53 -22.47 1.33 -7.36
N THR B 54 -22.86 2.03 -6.29
CA THR B 54 -23.34 3.39 -6.42
C THR B 54 -22.21 4.42 -6.51
N GLU B 55 -20.98 4.02 -6.13
CA GLU B 55 -19.85 4.95 -6.03
C GLU B 55 -20.16 6.10 -5.08
N ALA B 56 -20.81 5.78 -3.96
CA ALA B 56 -21.04 6.77 -2.93
C ALA B 56 -19.73 7.25 -2.32
N LEU B 57 -18.78 6.35 -2.18
CA LEU B 57 -17.43 6.61 -1.71
C LEU B 57 -16.44 6.10 -2.75
N PRO B 58 -15.23 6.64 -2.78
CA PRO B 58 -14.21 6.07 -3.67
C PRO B 58 -13.99 4.60 -3.36
N LEU B 59 -13.76 3.82 -4.41
CA LEU B 59 -13.67 2.36 -4.26
C LEU B 59 -12.58 1.97 -3.27
N SER B 60 -11.44 2.68 -3.31
CA SER B 60 -10.39 2.42 -2.34
C SER B 60 -10.84 2.78 -0.93
N VAL B 61 -11.58 3.88 -0.78
CA VAL B 61 -12.08 4.26 0.53
C VAL B 61 -13.08 3.24 1.05
N THR B 62 -13.98 2.78 0.18
CA THR B 62 -14.92 1.73 0.58
C THR B 62 -14.20 0.45 0.93
N ALA B 63 -13.05 0.18 0.29
CA ALA B 63 -12.28 -0.99 0.63
C ALA B 63 -11.73 -0.94 2.05
N LEU B 64 -11.64 0.25 2.64
CA LEU B 64 -11.18 0.41 4.02
C LEU B 64 -12.29 0.24 5.04
N LEU B 65 -13.53 0.03 4.58
CA LEU B 65 -14.64 -0.18 5.51
C LEU B 65 -14.45 -1.35 6.46
N PRO B 66 -13.90 -2.50 6.05
CA PRO B 66 -13.69 -3.58 7.04
C PRO B 66 -12.87 -3.16 8.24
N ILE B 67 -11.86 -2.30 8.05
CA ILE B 67 -11.06 -1.84 9.18
C ILE B 67 -11.96 -1.18 10.22
N VAL B 68 -12.92 -0.37 9.77
CA VAL B 68 -13.84 0.28 10.69
C VAL B 68 -14.81 -0.73 11.30
N LEU B 69 -15.39 -1.60 10.47
CA LEU B 69 -16.60 -2.29 10.89
C LEU B 69 -16.34 -3.67 11.49
N PHE B 70 -15.38 -4.43 10.97
CA PHE B 70 -15.11 -5.76 11.53
C PHE B 70 -14.75 -5.72 13.01
N PRO B 71 -13.89 -4.81 13.50
CA PRO B 71 -13.65 -4.75 14.95
C PRO B 71 -14.83 -4.21 15.73
N PHE B 72 -15.48 -3.16 15.20
CA PHE B 72 -16.63 -2.59 15.89
C PHE B 72 -17.75 -3.61 16.04
N MET B 73 -18.01 -4.38 14.99
CA MET B 73 -19.05 -5.40 15.04
C MET B 73 -18.58 -6.71 15.66
N GLY B 74 -17.30 -6.81 16.02
CA GLY B 74 -16.80 -8.01 16.63
C GLY B 74 -16.57 -9.17 15.68
N ILE B 75 -16.64 -8.93 14.36
CA ILE B 75 -16.44 -10.01 13.40
C ILE B 75 -14.99 -10.49 13.44
N LEU B 76 -14.04 -9.56 13.44
CA LEU B 76 -12.63 -9.91 13.33
C LEU B 76 -11.79 -8.84 14.01
N PRO B 77 -10.75 -9.21 14.75
CA PRO B 77 -9.90 -8.20 15.38
C PRO B 77 -9.14 -7.38 14.35
N SER B 78 -8.82 -6.14 14.74
CA SER B 78 -8.13 -5.24 13.83
C SER B 78 -6.78 -5.78 13.40
N ASN B 79 -6.05 -6.41 14.32
CA ASN B 79 -4.73 -6.93 14.00
C ASN B 79 -4.79 -8.12 13.06
N LYS B 80 -5.97 -8.67 12.80
CA LYS B 80 -6.14 -9.70 11.79
C LYS B 80 -6.73 -9.15 10.49
N VAL B 81 -7.56 -8.11 10.56
CA VAL B 81 -8.09 -7.50 9.35
C VAL B 81 -6.99 -6.75 8.61
N CYS B 82 -6.16 -6.01 9.34
CA CYS B 82 -5.17 -5.14 8.70
C CYS B 82 -4.17 -5.90 7.84
N PRO B 83 -3.55 -7.00 8.29
CA PRO B 83 -2.60 -7.70 7.41
C PRO B 83 -3.24 -8.26 6.15
N GLN B 84 -4.54 -8.51 6.04
CA GLN B 84 -5.16 -9.01 4.76
C GLN B 84 -4.94 -8.09 3.56
N TYR B 85 -4.66 -6.83 3.76
CA TYR B 85 -4.55 -5.85 2.65
C TYR B 85 -3.24 -5.96 1.89
N PHE B 86 -2.23 -6.59 2.48
CA PHE B 86 -0.96 -6.81 1.74
C PHE B 86 -0.66 -8.31 1.73
N LEU B 87 -1.64 -9.12 1.33
CA LEU B 87 -1.34 -10.55 1.08
C LEU B 87 -0.40 -10.57 -0.12
N ASP B 88 0.34 -11.65 -0.35
CA ASP B 88 1.37 -11.72 -1.45
C ASP B 88 0.76 -11.45 -2.84
N THR B 89 -0.52 -11.73 -3.05
CA THR B 89 -1.22 -11.39 -4.32
C THR B 89 -1.05 -9.90 -4.63
N ASN B 90 -1.11 -9.04 -3.61
CA ASN B 90 -0.94 -7.58 -3.77
C ASN B 90 0.52 -7.21 -4.10
N PHE B 91 1.48 -8.01 -3.68
CA PHE B 91 2.91 -7.75 -4.06
C PHE B 91 3.12 -8.21 -5.51
N LEU B 92 2.40 -9.23 -5.98
CA LEU B 92 2.40 -9.66 -7.38
C LEU B 92 1.81 -8.56 -8.25
N PHE B 93 0.62 -8.07 -7.99
CA PHE B 93 0.03 -6.90 -8.64
C PHE B 93 1.01 -5.73 -8.67
N LEU B 94 1.70 -5.47 -7.55
CA LEU B 94 2.59 -4.31 -7.48
C LEU B 94 3.80 -4.48 -8.38
N SER B 95 4.34 -5.70 -8.44
CA SER B 95 5.44 -5.97 -9.37
C SER B 95 4.99 -5.80 -10.82
N GLY B 96 3.79 -6.29 -11.14
CA GLY B 96 3.27 -6.05 -12.48
C GLY B 96 3.10 -4.57 -12.78
N LEU B 97 2.64 -3.80 -11.79
CA LEU B 97 2.45 -2.36 -11.99
C LEU B 97 3.78 -1.65 -12.17
N ILE B 98 4.80 -2.04 -11.41
CA ILE B 98 6.12 -1.43 -11.56
C ILE B 98 6.71 -1.77 -12.92
N MET B 99 6.54 -3.01 -13.36
CA MET B 99 7.02 -3.40 -14.69
C MET B 99 6.30 -2.60 -15.78
N ALA B 100 4.98 -2.43 -15.63
CA ALA B 100 4.22 -1.65 -16.61
C ALA B 100 4.67 -0.19 -16.60
N SER B 101 4.95 0.35 -15.41
CA SER B 101 5.43 1.73 -15.32
C SER B 101 6.77 1.88 -16.02
N ALA B 102 7.66 0.88 -15.86
CA ALA B 102 8.93 0.91 -16.57
C ALA B 102 8.72 0.83 -18.07
N ILE B 103 7.77 0.00 -18.51
CA ILE B 103 7.50 -0.14 -19.94
C ILE B 103 7.00 1.16 -20.53
N GLU B 104 6.05 1.81 -19.85
CA GLU B 104 5.52 3.08 -20.37
C GLU B 104 6.53 4.22 -20.23
N GLU B 105 7.45 4.11 -19.27
CA GLU B 105 8.41 5.19 -19.04
C GLU B 105 9.31 5.40 -20.26
N TRP B 106 9.75 4.31 -20.88
CA TRP B 106 10.68 4.36 -22.01
C TRP B 106 9.98 4.22 -23.35
N ASN B 107 8.65 4.32 -23.37
CA ASN B 107 7.86 4.27 -24.61
C ASN B 107 8.08 2.96 -25.37
N LEU B 108 8.40 1.88 -24.63
CA LEU B 108 8.51 0.57 -25.26
C LEU B 108 7.16 0.10 -25.79
N HIS B 109 6.09 0.40 -25.06
CA HIS B 109 4.76 -0.02 -25.46
C HIS B 109 4.38 0.60 -26.80
N ARG B 110 4.67 1.89 -26.98
CA ARG B 110 4.37 2.54 -28.25
C ARG B 110 5.17 1.93 -29.39
N ARG B 111 6.44 1.61 -29.14
CA ARG B 111 7.26 0.99 -30.17
C ARG B 111 6.71 -0.37 -30.58
N ILE B 112 6.34 -1.20 -29.60
CA ILE B 112 5.79 -2.51 -29.93
C ILE B 112 4.47 -2.37 -30.66
N ALA B 113 3.60 -1.45 -30.22
CA ALA B 113 2.32 -1.25 -30.88
C ALA B 113 2.51 -0.83 -32.34
N LEU B 114 3.39 0.14 -32.57
CA LEU B 114 3.61 0.61 -33.93
C LEU B 114 4.22 -0.48 -34.79
N LYS B 115 5.13 -1.29 -34.23
CA LYS B 115 5.72 -2.38 -35.00
C LYS B 115 4.66 -3.40 -35.40
N ILE B 116 3.77 -3.76 -34.47
CA ILE B 116 2.72 -4.73 -34.80
C ILE B 116 1.79 -4.17 -35.85
N LEU B 117 1.41 -2.89 -35.73
CA LEU B 117 0.54 -2.29 -36.73
C LEU B 117 1.21 -2.22 -38.10
N MET B 118 2.52 -1.94 -38.13
CA MET B 118 3.25 -1.99 -39.39
C MET B 118 3.23 -3.38 -39.99
N LEU B 119 3.44 -4.40 -39.15
CA LEU B 119 3.54 -5.76 -39.66
C LEU B 119 2.20 -6.26 -40.19
N VAL B 120 1.10 -5.94 -39.50
CA VAL B 120 -0.17 -6.60 -39.79
C VAL B 120 -0.73 -6.16 -41.14
N GLY B 121 -0.61 -4.88 -41.48
CA GLY B 121 -1.13 -4.37 -42.73
C GLY B 121 -1.90 -3.09 -42.54
N VAL B 122 -2.56 -2.66 -43.62
CA VAL B 122 -3.24 -1.36 -43.64
C VAL B 122 -4.68 -1.55 -44.10
N GLN B 123 -4.98 -2.71 -44.69
CA GLN B 123 -6.32 -2.98 -45.18
C GLN B 123 -7.31 -2.91 -44.01
N PRO B 124 -8.52 -2.35 -44.22
CA PRO B 124 -9.41 -2.10 -43.08
C PRO B 124 -9.71 -3.31 -42.22
N ALA B 125 -9.94 -4.48 -42.82
CA ALA B 125 -10.10 -5.68 -42.00
C ALA B 125 -8.78 -6.07 -41.34
N ARG B 126 -7.69 -6.03 -42.11
CA ARG B 126 -6.38 -6.29 -41.54
C ARG B 126 -6.03 -5.26 -40.47
N LEU B 127 -6.41 -4.00 -40.70
CA LEU B 127 -6.13 -2.96 -39.70
C LEU B 127 -6.93 -3.17 -38.42
N ILE B 128 -8.21 -3.56 -38.56
CA ILE B 128 -9.01 -3.91 -37.38
C ILE B 128 -8.34 -5.03 -36.60
N LEU B 129 -7.96 -6.10 -37.30
CA LEU B 129 -7.36 -7.24 -36.62
C LEU B 129 -6.05 -6.86 -35.95
N GLY B 130 -5.22 -6.07 -36.63
CA GLY B 130 -3.94 -5.68 -36.07
C GLY B 130 -4.10 -4.79 -34.85
N MET B 131 -5.01 -3.82 -34.91
CA MET B 131 -5.20 -2.93 -33.78
C MET B 131 -5.79 -3.71 -32.59
N MET B 132 -6.71 -4.63 -32.84
CA MET B 132 -7.27 -5.42 -31.75
C MET B 132 -6.21 -6.33 -31.13
N VAL B 133 -5.39 -7.00 -31.95
CA VAL B 133 -4.37 -7.87 -31.39
C VAL B 133 -3.31 -7.06 -30.65
N THR B 134 -3.00 -5.86 -31.15
CA THR B 134 -2.07 -4.98 -30.46
C THR B 134 -2.59 -4.60 -29.09
N THR B 135 -3.84 -4.13 -29.02
CA THR B 135 -4.40 -3.72 -27.73
C THR B 135 -4.53 -4.90 -26.79
N SER B 136 -4.90 -6.08 -27.31
CA SER B 136 -5.05 -7.26 -26.47
C SER B 136 -3.72 -7.70 -25.88
N PHE B 137 -2.67 -7.76 -26.71
CA PHE B 137 -1.36 -8.18 -26.21
C PHE B 137 -0.77 -7.12 -25.29
N LEU B 138 -1.03 -5.84 -25.57
CA LEU B 138 -0.44 -4.77 -24.78
C LEU B 138 -1.16 -4.59 -23.44
N SER B 139 -2.42 -5.01 -23.36
CA SER B 139 -3.16 -4.96 -22.10
C SER B 139 -2.87 -6.16 -21.20
N MET B 140 -2.15 -7.17 -21.71
CA MET B 140 -1.79 -8.32 -20.89
C MET B 140 -0.85 -7.94 -19.76
N TRP B 141 -0.11 -6.84 -19.91
CA TRP B 141 0.88 -6.43 -18.93
C TRP B 141 0.63 -5.01 -18.44
N LEU B 142 0.15 -4.16 -19.34
CA LEU B 142 -0.25 -2.82 -18.96
C LEU B 142 -1.68 -2.84 -18.40
N SER B 143 -2.19 -1.67 -18.07
CA SER B 143 -3.57 -1.54 -17.65
C SER B 143 -4.46 -1.29 -18.86
N ASN B 144 -5.72 -1.73 -18.76
CA ASN B 144 -6.65 -1.56 -19.87
C ASN B 144 -6.88 -0.09 -20.18
N THR B 145 -7.01 0.74 -19.14
CA THR B 145 -7.26 2.17 -19.34
C THR B 145 -6.12 2.83 -20.09
N ALA B 146 -4.88 2.55 -19.68
CA ALA B 146 -3.73 3.14 -20.36
C ALA B 146 -3.61 2.66 -21.79
N SER B 147 -3.84 1.37 -22.02
CA SER B 147 -3.77 0.82 -23.37
C SER B 147 -4.80 1.48 -24.28
N THR B 148 -6.03 1.62 -23.79
CA THR B 148 -7.05 2.30 -24.58
C THR B 148 -6.69 3.75 -24.83
N ALA B 149 -6.20 4.45 -23.80
CA ALA B 149 -5.92 5.87 -23.94
C ALA B 149 -4.74 6.12 -24.87
N MET B 150 -3.85 5.13 -25.03
CA MET B 150 -2.77 5.30 -25.98
C MET B 150 -3.18 4.88 -27.38
N MET B 151 -4.02 3.85 -27.50
CA MET B 151 -4.39 3.37 -28.82
C MET B 151 -5.38 4.28 -29.52
N LEU B 152 -6.18 5.04 -28.76
CA LEU B 152 -7.11 5.98 -29.41
C LEU B 152 -6.41 7.03 -30.28
N PRO B 153 -5.36 7.74 -29.83
CA PRO B 153 -4.72 8.71 -30.73
C PRO B 153 -4.17 8.09 -32.00
N ILE B 154 -3.63 6.88 -31.92
CA ILE B 154 -3.10 6.22 -33.11
C ILE B 154 -4.22 5.94 -34.11
N ALA B 155 -5.35 5.43 -33.61
CA ALA B 155 -6.49 5.17 -34.49
C ALA B 155 -7.01 6.46 -35.13
N ASN B 156 -7.11 7.53 -34.33
CA ASN B 156 -7.56 8.80 -34.89
C ASN B 156 -6.62 9.31 -35.96
N ALA B 157 -5.31 9.22 -35.72
CA ALA B 157 -4.35 9.66 -36.72
C ALA B 157 -4.44 8.82 -37.99
N ILE B 158 -4.58 7.50 -37.84
CA ILE B 158 -4.67 6.63 -39.02
C ILE B 158 -5.92 6.96 -39.83
N LEU B 159 -7.06 7.14 -39.17
CA LEU B 159 -8.28 7.47 -39.89
C LEU B 159 -8.22 8.85 -40.53
N LYS B 160 -7.62 9.83 -39.84
CA LYS B 160 -7.46 11.15 -40.45
C LYS B 160 -6.59 11.07 -41.70
N SER B 161 -5.54 10.25 -41.66
CA SER B 161 -4.73 10.05 -42.85
C SER B 161 -5.52 9.36 -43.96
N LEU B 162 -6.31 8.34 -43.61
CA LEU B 162 -7.04 7.58 -44.61
C LEU B 162 -8.09 8.43 -45.32
N PHE B 163 -8.83 9.24 -44.56
CA PHE B 163 -9.92 10.05 -45.09
C PHE B 163 -9.55 11.53 -45.15
N GLY B 164 -8.27 11.83 -45.36
CA GLY B 164 -7.83 13.21 -45.45
C GLY B 164 -8.24 13.88 -46.75
N ASP B 219 -20.41 9.55 -54.85
CA ASP B 219 -20.29 9.53 -53.39
C ASP B 219 -21.64 9.27 -52.74
N SER B 220 -22.49 10.29 -52.75
CA SER B 220 -23.83 10.24 -52.16
C SER B 220 -23.68 9.88 -50.68
N ARG B 221 -24.39 8.87 -50.18
CA ARG B 221 -24.30 8.49 -48.77
C ARG B 221 -23.51 7.22 -48.52
N LYS B 222 -23.27 6.41 -49.55
CA LYS B 222 -22.63 5.13 -49.35
C LYS B 222 -21.20 5.29 -48.82
N GLU B 223 -20.39 6.12 -49.48
CA GLU B 223 -18.98 6.19 -49.14
C GLU B 223 -18.76 6.82 -47.77
N ASP B 224 -19.42 7.94 -47.51
CA ASP B 224 -19.20 8.60 -46.22
C ASP B 224 -19.91 7.89 -45.07
N GLU B 225 -21.02 7.18 -45.36
CA GLU B 225 -21.59 6.30 -44.35
C GLU B 225 -20.62 5.18 -44.01
N TYR B 226 -19.95 4.62 -45.02
CA TYR B 226 -18.85 3.68 -44.78
C TYR B 226 -17.76 4.32 -43.95
N ARG B 227 -17.51 5.63 -44.17
CA ARG B 227 -16.49 6.32 -43.40
C ARG B 227 -16.84 6.35 -41.91
N ARG B 228 -18.07 6.76 -41.58
CA ARG B 228 -18.48 6.69 -40.18
C ARG B 228 -18.46 5.25 -39.65
N ASN B 229 -18.87 4.28 -40.47
CA ASN B 229 -18.88 2.90 -40.00
C ASN B 229 -17.48 2.43 -39.63
N ILE B 230 -16.49 2.74 -40.46
CA ILE B 230 -15.11 2.38 -40.18
C ILE B 230 -14.60 3.12 -38.94
N TRP B 231 -14.96 4.40 -38.82
CA TRP B 231 -14.57 5.16 -37.63
C TRP B 231 -15.10 4.50 -36.37
N LYS B 232 -16.40 4.16 -36.37
CA LYS B 232 -17.00 3.51 -35.20
C LYS B 232 -16.33 2.17 -34.91
N GLY B 233 -16.07 1.39 -35.96
CA GLY B 233 -15.46 0.09 -35.76
C GLY B 233 -14.09 0.19 -35.12
N PHE B 234 -13.25 1.07 -35.65
CA PHE B 234 -11.92 1.27 -35.06
C PHE B 234 -12.02 1.78 -33.62
N LEU B 235 -12.92 2.73 -33.37
CA LEU B 235 -12.97 3.31 -32.03
C LEU B 235 -13.58 2.35 -31.00
N ILE B 236 -14.37 1.38 -31.43
CA ILE B 236 -14.95 0.42 -30.50
C ILE B 236 -14.13 -0.86 -30.39
N SER B 237 -13.27 -1.16 -31.37
CA SER B 237 -12.48 -2.37 -31.32
C SER B 237 -11.34 -2.28 -30.31
N ILE B 238 -10.97 -1.08 -29.88
CA ILE B 238 -9.85 -0.90 -28.95
C ILE B 238 -10.27 -1.28 -27.53
N PRO B 239 -11.33 -0.69 -26.96
CA PRO B 239 -11.66 -1.05 -25.56
C PRO B 239 -12.08 -2.49 -25.40
N TYR B 240 -12.82 -3.04 -26.35
CA TYR B 240 -13.22 -4.43 -26.26
C TYR B 240 -12.00 -5.35 -26.28
N SER B 241 -11.05 -5.07 -27.17
CA SER B 241 -9.83 -5.87 -27.23
C SER B 241 -9.01 -5.72 -25.94
N ALA B 242 -8.96 -4.51 -25.39
CA ALA B 242 -8.25 -4.31 -24.13
C ALA B 242 -8.88 -5.13 -23.01
N SER B 243 -10.21 -5.10 -22.92
CA SER B 243 -10.91 -5.86 -21.88
C SER B 243 -10.69 -7.35 -22.06
N ILE B 244 -10.72 -7.84 -23.31
CA ILE B 244 -10.48 -9.26 -23.55
C ILE B 244 -9.07 -9.65 -23.19
N GLY B 245 -8.08 -8.83 -23.59
CA GLY B 245 -6.70 -9.19 -23.35
C GLY B 245 -6.29 -9.05 -21.90
N GLY B 246 -7.00 -8.23 -21.12
CA GLY B 246 -6.71 -8.13 -19.71
C GLY B 246 -6.91 -9.41 -18.94
N THR B 247 -7.74 -10.31 -19.45
CA THR B 247 -8.04 -11.56 -18.76
C THR B 247 -7.01 -12.65 -19.02
N ALA B 248 -6.10 -12.46 -19.98
CA ALA B 248 -5.18 -13.52 -20.35
C ALA B 248 -4.20 -13.84 -19.22
N THR B 249 -3.71 -12.81 -18.53
CA THR B 249 -2.72 -12.98 -17.48
C THR B 249 -3.28 -12.48 -16.15
N LEU B 250 -2.74 -13.04 -15.06
CA LEU B 250 -3.20 -12.66 -13.73
C LEU B 250 -2.98 -11.18 -13.47
N THR B 251 -1.80 -10.67 -13.84
CA THR B 251 -1.51 -9.25 -13.67
C THR B 251 -2.23 -8.38 -14.69
N GLY B 252 -2.87 -8.98 -15.70
CA GLY B 252 -3.54 -8.19 -16.71
C GLY B 252 -4.68 -7.35 -16.14
N THR B 253 -5.45 -7.92 -15.22
CA THR B 253 -6.58 -7.21 -14.64
C THR B 253 -6.72 -7.60 -13.17
N ALA B 254 -7.34 -6.70 -12.41
CA ALA B 254 -7.51 -6.93 -10.97
C ALA B 254 -8.35 -8.14 -10.61
N PRO B 255 -9.49 -8.43 -11.27
CA PRO B 255 -10.33 -9.55 -10.79
C PRO B 255 -9.63 -10.89 -10.74
N ASN B 256 -8.65 -11.14 -11.60
CA ASN B 256 -7.88 -12.39 -11.48
C ASN B 256 -7.14 -12.45 -10.15
N LEU B 257 -6.56 -11.32 -9.72
CA LEU B 257 -5.89 -11.24 -8.44
C LEU B 257 -6.87 -11.30 -7.27
N ILE B 258 -8.08 -10.77 -7.45
CA ILE B 258 -9.14 -11.00 -6.46
C ILE B 258 -9.43 -12.48 -6.33
N LEU B 259 -9.50 -13.19 -7.45
CA LEU B 259 -9.71 -14.63 -7.41
C LEU B 259 -8.59 -15.32 -6.64
N LEU B 260 -7.35 -14.92 -6.90
CA LEU B 260 -6.21 -15.50 -6.18
C LEU B 260 -6.32 -15.25 -4.68
N GLY B 261 -6.58 -14.00 -4.29
CA GLY B 261 -6.61 -13.66 -2.87
C GLY B 261 -7.73 -14.38 -2.13
N GLN B 262 -8.94 -14.35 -2.70
CA GLN B 262 -10.06 -15.04 -2.06
C GLN B 262 -9.90 -16.55 -2.12
N LEU B 263 -9.14 -17.07 -3.09
CA LEU B 263 -8.86 -18.49 -3.12
C LEU B 263 -7.91 -18.88 -2.00
N LYS B 264 -6.88 -18.07 -1.76
CA LYS B 264 -6.00 -18.32 -0.62
C LYS B 264 -6.75 -18.15 0.70
N SER B 265 -7.75 -17.28 0.73
CA SER B 265 -8.53 -17.09 1.95
C SER B 265 -9.45 -18.28 2.20
N PHE B 266 -10.39 -18.54 1.29
CA PHE B 266 -11.37 -19.58 1.49
C PHE B 266 -10.74 -20.96 1.54
N PHE B 267 -9.79 -21.23 0.65
CA PHE B 267 -9.17 -22.55 0.51
C PHE B 267 -7.66 -22.41 0.61
N PRO B 268 -7.12 -22.44 1.83
CA PRO B 268 -5.67 -22.26 2.00
C PRO B 268 -4.83 -23.30 1.27
N GLN B 269 -5.32 -24.53 1.15
CA GLN B 269 -4.55 -25.60 0.52
C GLN B 269 -4.60 -25.57 -1.00
N CYS B 270 -5.43 -24.70 -1.59
CA CYS B 270 -5.53 -24.61 -3.04
C CYS B 270 -4.33 -23.84 -3.58
N ASP B 271 -3.52 -24.52 -4.41
CA ASP B 271 -2.33 -23.90 -4.99
C ASP B 271 -2.17 -24.24 -6.46
N VAL B 272 -3.28 -24.60 -7.13
CA VAL B 272 -3.22 -25.01 -8.53
C VAL B 272 -3.43 -23.86 -9.49
N VAL B 273 -3.60 -22.63 -9.01
CA VAL B 273 -3.74 -21.45 -9.85
C VAL B 273 -2.53 -20.56 -9.61
N ASN B 274 -1.79 -20.29 -10.68
CA ASN B 274 -0.67 -19.38 -10.65
C ASN B 274 -0.57 -18.72 -12.02
N PHE B 275 0.56 -18.06 -12.28
CA PHE B 275 0.72 -17.34 -13.55
C PHE B 275 0.71 -18.29 -14.73
N GLY B 276 1.45 -19.40 -14.63
CA GLY B 276 1.57 -20.30 -15.76
C GLY B 276 0.26 -21.00 -16.10
N SER B 277 -0.41 -21.57 -15.08
CA SER B 277 -1.66 -22.27 -15.33
C SER B 277 -2.74 -21.31 -15.82
N TRP B 278 -2.84 -20.13 -15.19
CA TRP B 278 -3.84 -19.16 -15.63
C TRP B 278 -3.56 -18.71 -17.06
N PHE B 279 -2.29 -18.51 -17.41
CA PHE B 279 -1.98 -18.10 -18.77
C PHE B 279 -2.35 -19.19 -19.77
N ILE B 280 -1.92 -20.43 -19.51
CA ILE B 280 -2.21 -21.50 -20.46
C ILE B 280 -3.70 -21.79 -20.55
N PHE B 281 -4.47 -21.41 -19.53
CA PHE B 281 -5.91 -21.59 -19.62
C PHE B 281 -6.58 -20.45 -20.38
N ALA B 282 -6.21 -19.22 -20.08
CA ALA B 282 -6.94 -18.06 -20.57
C ALA B 282 -6.47 -17.55 -21.92
N PHE B 283 -5.17 -17.69 -22.23
CA PHE B 283 -4.65 -17.15 -23.48
C PHE B 283 -5.29 -17.78 -24.71
N PRO B 284 -5.45 -19.11 -24.82
CA PRO B 284 -6.23 -19.63 -25.95
C PRO B 284 -7.66 -19.11 -25.96
N LEU B 285 -8.29 -19.00 -24.79
CA LEU B 285 -9.63 -18.43 -24.72
C LEU B 285 -9.62 -16.97 -25.12
N MET B 286 -8.59 -16.23 -24.69
CA MET B 286 -8.46 -14.84 -25.09
C MET B 286 -8.33 -14.71 -26.61
N LEU B 287 -7.53 -15.57 -27.23
CA LEU B 287 -7.35 -15.51 -28.68
C LEU B 287 -8.65 -15.85 -29.40
N LEU B 288 -9.35 -16.90 -28.94
CA LEU B 288 -10.62 -17.26 -29.57
C LEU B 288 -11.64 -16.13 -29.46
N PHE B 289 -11.75 -15.53 -28.28
CA PHE B 289 -12.71 -14.45 -28.09
C PHE B 289 -12.31 -13.20 -28.88
N LEU B 290 -11.00 -12.93 -28.98
CA LEU B 290 -10.55 -11.80 -29.78
C LEU B 290 -10.86 -12.01 -31.25
N LEU B 291 -10.66 -13.23 -31.76
CA LEU B 291 -10.99 -13.51 -33.15
C LEU B 291 -12.49 -13.38 -33.40
N ALA B 292 -13.30 -13.90 -32.48
CA ALA B 292 -14.75 -13.77 -32.62
C ALA B 292 -15.17 -12.30 -32.61
N GLY B 293 -14.60 -11.51 -31.70
CA GLY B 293 -14.93 -10.10 -31.65
C GLY B 293 -14.49 -9.36 -32.90
N TRP B 294 -13.31 -9.70 -33.43
CA TRP B 294 -12.83 -9.09 -34.66
C TRP B 294 -13.77 -9.40 -35.81
N LEU B 295 -14.18 -10.66 -35.93
CA LEU B 295 -15.10 -11.05 -36.99
C LEU B 295 -16.43 -10.30 -36.86
N TRP B 296 -16.95 -10.21 -35.63
CA TRP B 296 -18.23 -9.54 -35.42
C TRP B 296 -18.13 -8.04 -35.75
N ILE B 297 -17.06 -7.39 -35.29
CA ILE B 297 -16.92 -5.96 -35.50
C ILE B 297 -16.70 -5.64 -36.97
N SER B 298 -15.88 -6.44 -37.66
CA SER B 298 -15.70 -6.25 -39.09
C SER B 298 -17.00 -6.50 -39.85
N PHE B 299 -17.78 -7.49 -39.42
CA PHE B 299 -19.04 -7.79 -40.08
C PHE B 299 -20.03 -6.63 -39.94
N LEU B 300 -20.17 -6.11 -38.73
CA LEU B 300 -21.22 -5.11 -38.53
C LEU B 300 -20.82 -3.75 -39.10
N TYR B 301 -19.55 -3.36 -38.96
CA TYR B 301 -19.11 -2.04 -39.38
C TYR B 301 -18.32 -2.05 -40.68
N GLY B 302 -17.33 -2.93 -40.80
CA GLY B 302 -16.41 -2.90 -41.93
C GLY B 302 -16.93 -3.42 -43.24
N GLY B 303 -18.19 -3.84 -43.30
CA GLY B 303 -18.74 -4.35 -44.54
C GLY B 303 -18.04 -5.60 -45.04
N LEU B 304 -17.74 -6.53 -44.14
CA LEU B 304 -17.03 -7.76 -44.51
C LEU B 304 -17.91 -8.67 -45.37
N ASN B 319 -4.15 4.47 -52.77
CA ASN B 319 -3.63 5.78 -52.42
C ASN B 319 -3.84 6.07 -50.95
N ALA B 320 -5.07 5.86 -50.46
CA ALA B 320 -5.36 6.09 -49.05
C ALA B 320 -4.56 5.14 -48.17
N GLU B 321 -4.46 3.86 -48.57
CA GLU B 321 -3.66 2.91 -47.81
C GLU B 321 -2.19 3.31 -47.81
N ASP B 322 -1.70 3.85 -48.93
CA ASP B 322 -0.34 4.37 -48.98
C ASP B 322 -0.16 5.51 -47.99
N ARG B 323 -1.15 6.40 -47.92
CA ARG B 323 -1.08 7.53 -46.99
C ARG B 323 -1.06 7.04 -45.53
N ALA B 324 -1.89 6.05 -45.22
CA ALA B 324 -1.91 5.50 -43.86
C ALA B 324 -0.59 4.83 -43.52
N ARG B 325 -0.02 4.08 -44.48
CA ARG B 325 1.27 3.47 -44.25
C ARG B 325 2.35 4.53 -44.04
N ALA B 326 2.29 5.61 -44.81
CA ALA B 326 3.26 6.70 -44.64
C ALA B 326 3.13 7.34 -43.27
N VAL B 327 1.90 7.56 -42.82
CA VAL B 327 1.70 8.25 -41.54
C VAL B 327 2.14 7.35 -40.39
N ILE B 328 1.88 6.04 -40.48
CA ILE B 328 2.34 5.15 -39.42
C ILE B 328 3.86 5.03 -39.42
N ARG B 329 4.48 5.03 -40.61
CA ARG B 329 5.94 5.05 -40.68
C ARG B 329 6.49 6.30 -40.00
N GLU B 330 5.96 7.46 -40.36
CA GLU B 330 6.45 8.71 -39.77
C GLU B 330 6.17 8.80 -38.28
N GLU B 331 5.09 8.16 -37.80
CA GLU B 331 4.87 8.10 -36.37
C GLU B 331 5.89 7.19 -35.68
N TYR B 332 6.28 6.11 -36.35
CA TYR B 332 7.27 5.21 -35.76
C TYR B 332 8.64 5.86 -35.69
N GLN B 333 9.07 6.50 -36.78
CA GLN B 333 10.36 7.17 -36.78
C GLN B 333 10.43 8.36 -35.83
N ASN B 334 9.28 8.88 -35.39
CA ASN B 334 9.31 9.95 -34.40
C ASN B 334 9.83 9.48 -33.06
N LEU B 335 9.86 8.17 -32.82
CA LEU B 335 10.43 7.64 -31.59
C LEU B 335 11.95 7.75 -31.56
N GLY B 336 12.59 8.02 -32.69
CA GLY B 336 14.02 8.08 -32.76
C GLY B 336 14.63 6.70 -32.77
N PRO B 337 15.95 6.62 -32.77
CA PRO B 337 16.60 5.30 -32.71
C PRO B 337 16.39 4.65 -31.36
N ILE B 338 16.34 3.32 -31.36
CA ILE B 338 16.09 2.59 -30.12
C ILE B 338 17.21 2.84 -29.13
N LYS B 339 16.83 3.00 -27.86
CA LYS B 339 17.76 3.36 -26.79
C LYS B 339 18.18 2.12 -26.00
N PHE B 340 19.33 2.24 -25.34
CA PHE B 340 19.81 1.14 -24.50
C PHE B 340 18.84 0.83 -23.38
N ALA B 341 18.19 1.86 -22.83
CA ALA B 341 17.18 1.64 -21.81
C ALA B 341 16.03 0.79 -22.34
N GLU B 342 15.68 0.96 -23.62
CA GLU B 342 14.61 0.16 -24.21
C GLU B 342 14.98 -1.31 -24.26
N GLN B 343 16.21 -1.62 -24.70
CA GLN B 343 16.64 -3.02 -24.70
C GLN B 343 16.68 -3.57 -23.28
N ALA B 344 17.20 -2.79 -22.33
CA ALA B 344 17.28 -3.26 -20.95
C ALA B 344 15.91 -3.58 -20.39
N VAL B 345 14.95 -2.67 -20.59
CA VAL B 345 13.60 -2.87 -20.08
C VAL B 345 12.93 -4.05 -20.78
N PHE B 346 13.10 -4.18 -22.09
CA PHE B 346 12.49 -5.28 -22.82
C PHE B 346 13.04 -6.62 -22.35
N ILE B 347 14.36 -6.71 -22.15
CA ILE B 347 14.96 -7.95 -21.70
C ILE B 347 14.52 -8.27 -20.28
N LEU B 348 14.45 -7.26 -19.42
CA LEU B 348 13.96 -7.47 -18.06
C LEU B 348 12.52 -7.96 -18.06
N PHE B 349 11.68 -7.38 -18.92
CA PHE B 349 10.29 -7.80 -18.99
C PHE B 349 10.16 -9.22 -19.53
N CYS B 350 10.96 -9.58 -20.53
CA CYS B 350 10.94 -10.95 -21.04
C CYS B 350 11.37 -11.94 -19.97
N MET B 351 12.43 -11.61 -19.22
CA MET B 351 12.85 -12.47 -18.12
C MET B 351 11.78 -12.56 -17.05
N PHE B 352 11.12 -11.45 -16.76
CA PHE B 352 10.02 -11.44 -15.80
C PHE B 352 8.91 -12.39 -16.23
N ALA B 353 8.47 -12.29 -17.48
CA ALA B 353 7.39 -13.13 -17.97
C ALA B 353 7.79 -14.60 -17.98
N ILE B 354 9.01 -14.91 -18.42
CA ILE B 354 9.44 -16.30 -18.49
C ILE B 354 9.54 -16.89 -17.09
N LEU B 355 10.13 -16.14 -16.16
CA LEU B 355 10.29 -16.65 -14.80
C LEU B 355 8.94 -16.85 -14.12
N LEU B 356 8.00 -15.94 -14.34
CA LEU B 356 6.66 -16.15 -13.80
C LEU B 356 6.00 -17.37 -14.41
N PHE B 357 6.13 -17.53 -15.73
CA PHE B 357 5.49 -18.65 -16.40
C PHE B 357 6.11 -19.98 -16.00
N THR B 358 7.44 -20.03 -15.88
CA THR B 358 8.16 -21.26 -15.65
C THR B 358 8.39 -21.56 -14.18
N ARG B 359 7.85 -20.76 -13.26
CA ARG B 359 8.07 -21.00 -11.85
C ARG B 359 7.49 -22.34 -11.41
N ASP B 360 6.26 -22.62 -11.82
CA ASP B 360 5.62 -23.89 -11.47
C ASP B 360 4.44 -24.15 -12.39
N PRO B 361 4.67 -24.61 -13.63
CA PRO B 361 3.56 -24.83 -14.56
C PRO B 361 2.73 -26.06 -14.28
N LYS B 362 3.02 -26.82 -13.21
CA LYS B 362 2.29 -27.97 -12.70
C LYS B 362 2.50 -29.23 -13.55
N PHE B 363 3.17 -29.15 -14.70
CA PHE B 363 3.44 -30.34 -15.50
C PHE B 363 4.86 -30.41 -16.03
N ILE B 364 5.68 -29.38 -15.85
CA ILE B 364 7.13 -29.52 -15.81
C ILE B 364 7.58 -28.94 -14.47
N PRO B 365 8.40 -29.64 -13.69
CA PRO B 365 8.83 -29.08 -12.40
C PRO B 365 9.65 -27.82 -12.59
N GLY B 366 9.11 -26.68 -12.17
CA GLY B 366 9.78 -25.41 -12.36
C GLY B 366 10.95 -25.23 -11.42
N TRP B 367 11.60 -24.07 -11.56
CA TRP B 367 12.74 -23.76 -10.71
C TRP B 367 12.36 -23.60 -9.25
N ALA B 368 11.07 -23.44 -8.94
CA ALA B 368 10.64 -23.43 -7.55
C ALA B 368 10.66 -24.82 -6.92
N SER B 369 10.85 -25.87 -7.71
CA SER B 369 10.89 -27.23 -7.16
C SER B 369 12.21 -27.49 -6.45
N LEU B 370 13.32 -26.95 -6.96
CA LEU B 370 14.62 -27.19 -6.37
C LEU B 370 14.87 -26.35 -5.12
N PHE B 371 14.01 -25.38 -4.82
CA PHE B 371 14.10 -24.63 -3.58
C PHE B 371 13.26 -25.32 -2.51
N ASN B 372 13.06 -24.65 -1.38
CA ASN B 372 12.22 -25.20 -0.33
C ASN B 372 10.76 -25.17 -0.75
N PRO B 373 10.05 -26.29 -0.71
CA PRO B 373 8.63 -26.29 -1.10
C PRO B 373 7.81 -25.41 -0.18
N GLY B 374 6.82 -24.74 -0.77
CA GLY B 374 5.91 -23.92 0.00
C GLY B 374 6.48 -22.58 0.45
N PHE B 375 7.63 -22.18 -0.06
CA PHE B 375 8.26 -20.92 0.31
C PHE B 375 8.19 -19.87 -0.79
N LEU B 376 8.38 -20.26 -2.04
CA LEU B 376 8.39 -19.31 -3.14
C LEU B 376 6.97 -19.05 -3.63
N SER B 377 6.83 -18.02 -4.44
CA SER B 377 5.54 -17.63 -5.00
C SER B 377 5.80 -16.74 -6.22
N ASP B 378 4.73 -16.22 -6.82
CA ASP B 378 4.89 -15.27 -7.90
C ASP B 378 5.25 -13.88 -7.39
N ALA B 379 4.83 -13.55 -6.17
CA ALA B 379 5.15 -12.25 -5.60
C ALA B 379 6.65 -12.07 -5.42
N VAL B 380 7.34 -13.09 -4.91
CA VAL B 380 8.78 -13.01 -4.71
C VAL B 380 9.49 -12.85 -6.05
N THR B 381 9.07 -13.61 -7.07
CA THR B 381 9.70 -13.51 -8.38
C THR B 381 9.49 -12.12 -8.97
N GLY B 382 8.27 -11.60 -8.89
CA GLY B 382 8.00 -10.28 -9.44
C GLY B 382 8.78 -9.19 -8.73
N VAL B 383 8.83 -9.25 -7.40
CA VAL B 383 9.57 -8.25 -6.63
C VAL B 383 11.06 -8.34 -6.94
N ALA B 384 11.59 -9.55 -7.03
CA ALA B 384 13.00 -9.72 -7.35
C ALA B 384 13.32 -9.15 -8.72
N ILE B 385 12.44 -9.36 -9.70
CA ILE B 385 12.70 -8.83 -11.04
C ILE B 385 12.61 -7.31 -11.05
N VAL B 386 11.57 -6.76 -10.44
CA VAL B 386 11.38 -5.31 -10.51
C VAL B 386 12.39 -4.57 -9.64
N THR B 387 13.06 -5.27 -8.72
CA THR B 387 14.13 -4.65 -7.96
C THR B 387 15.28 -4.21 -8.87
N ILE B 388 15.58 -5.02 -9.88
CA ILE B 388 16.66 -4.71 -10.81
C ILE B 388 16.40 -3.43 -11.59
N LEU B 389 15.13 -3.06 -11.76
CA LEU B 389 14.79 -1.85 -12.49
C LEU B 389 15.24 -0.59 -11.77
N PHE B 390 15.45 -0.65 -10.46
CA PHE B 390 15.75 0.52 -9.66
C PHE B 390 17.24 0.81 -9.51
N PHE B 391 18.11 -0.06 -10.01
CA PHE B 391 19.53 0.21 -9.99
C PHE B 391 20.25 -0.07 -11.31
N PHE B 392 19.61 -0.73 -12.26
CA PHE B 392 20.25 -0.97 -13.55
C PHE B 392 20.42 0.34 -14.30
N PRO B 393 21.59 0.62 -14.86
CA PRO B 393 21.80 1.90 -15.54
C PRO B 393 20.92 2.04 -16.77
N SER B 394 20.54 3.27 -17.07
CA SER B 394 19.76 3.59 -18.25
C SER B 394 20.63 3.96 -19.45
N GLN B 395 21.94 4.04 -19.28
CA GLN B 395 22.87 4.32 -20.35
C GLN B 395 23.87 3.17 -20.47
N ARG B 396 24.34 2.94 -21.68
CA ARG B 396 25.22 1.80 -21.95
C ARG B 396 26.53 1.97 -21.22
N PRO B 397 26.91 1.04 -20.34
CA PRO B 397 28.21 1.14 -19.68
C PRO B 397 29.36 0.95 -20.67
N SER B 398 30.46 1.63 -20.38
CA SER B 398 31.65 1.57 -21.22
C SER B 398 32.86 1.37 -20.33
N LEU B 399 33.69 0.37 -20.66
CA LEU B 399 34.90 0.13 -19.89
C LEU B 399 35.90 1.26 -20.06
N LYS B 400 35.86 1.97 -21.18
CA LYS B 400 36.77 3.09 -21.42
C LYS B 400 36.50 4.28 -20.51
N TRP B 401 35.36 4.30 -19.82
CA TRP B 401 35.09 5.38 -18.87
C TRP B 401 36.09 5.37 -17.73
N TRP B 402 36.45 4.17 -17.25
CA TRP B 402 37.44 4.07 -16.18
C TRP B 402 38.78 4.64 -16.61
N PHE B 403 39.21 4.32 -17.83
CA PHE B 403 40.54 4.73 -18.28
C PHE B 403 40.60 6.24 -18.54
N ASP B 404 39.56 6.79 -19.15
CA ASP B 404 39.57 8.20 -19.55
C ASP B 404 39.42 9.07 -18.30
N PHE B 405 40.51 9.71 -17.89
CA PHE B 405 40.49 10.53 -16.69
C PHE B 405 39.78 11.87 -16.89
N LYS B 406 39.75 12.39 -18.11
CA LYS B 406 39.07 13.65 -18.38
C LYS B 406 37.59 13.47 -18.68
N ALA B 407 37.11 12.23 -18.68
CA ALA B 407 35.69 11.98 -18.91
C ALA B 407 34.86 12.56 -17.76
N PRO B 408 33.66 13.03 -18.05
CA PRO B 408 32.83 13.62 -16.99
C PRO B 408 32.39 12.59 -15.97
N ASN B 409 32.14 13.07 -14.75
CA ASN B 409 31.68 12.24 -13.64
C ASN B 409 30.20 12.42 -13.37
N THR B 410 29.39 12.60 -14.43
CA THR B 410 27.96 12.76 -14.26
C THR B 410 27.35 11.48 -13.69
N GLU B 411 26.44 11.65 -12.72
CA GLU B 411 25.81 10.51 -12.09
C GLU B 411 24.86 9.82 -13.06
N THR B 412 24.94 8.50 -13.10
CA THR B 412 24.10 7.73 -13.99
C THR B 412 22.67 7.65 -13.46
N GLU B 413 21.74 7.31 -14.35
CA GLU B 413 20.35 7.20 -13.95
C GLU B 413 19.88 5.76 -14.04
N PRO B 414 19.07 5.30 -13.09
CA PRO B 414 18.53 3.95 -13.16
C PRO B 414 17.43 3.86 -14.20
N LEU B 415 17.06 2.61 -14.53
CA LEU B 415 16.00 2.38 -15.50
C LEU B 415 14.69 3.00 -15.03
N LEU B 416 14.38 2.86 -13.75
CA LEU B 416 13.15 3.41 -13.17
C LEU B 416 13.48 4.01 -11.82
N THR B 417 13.33 5.32 -11.70
CA THR B 417 13.43 5.97 -10.40
C THR B 417 12.16 5.72 -9.61
N TRP B 418 12.28 5.73 -8.28
CA TRP B 418 11.11 5.44 -7.45
C TRP B 418 10.04 6.53 -7.55
N LYS B 419 10.40 7.75 -7.91
CA LYS B 419 9.39 8.80 -8.06
C LYS B 419 8.41 8.45 -9.17
N LYS B 420 8.91 7.97 -10.30
CA LYS B 420 8.04 7.58 -11.41
C LYS B 420 7.14 6.42 -11.01
N ALA B 421 7.68 5.43 -10.32
CA ALA B 421 6.85 4.31 -9.85
C ALA B 421 5.80 4.79 -8.87
N GLN B 422 6.15 5.73 -8.00
CA GLN B 422 5.19 6.28 -7.05
C GLN B 422 4.04 6.98 -7.77
N GLU B 423 4.36 7.76 -8.80
CA GLU B 423 3.35 8.56 -9.48
C GLU B 423 2.71 7.84 -10.66
N THR B 424 3.08 6.59 -10.94
CA THR B 424 2.49 5.85 -12.05
C THR B 424 2.03 4.46 -11.62
N VAL B 425 1.66 4.29 -10.36
CA VAL B 425 1.12 3.04 -9.84
C VAL B 425 -0.23 3.31 -9.20
N PRO B 426 -1.28 2.59 -9.58
CA PRO B 426 -2.60 2.81 -8.96
C PRO B 426 -2.73 2.14 -7.59
N TRP B 427 -2.31 2.85 -6.54
CA TRP B 427 -2.45 2.31 -5.20
C TRP B 427 -3.90 2.12 -4.79
N ASN B 428 -4.82 2.84 -5.43
CA ASN B 428 -6.24 2.65 -5.15
C ASN B 428 -6.69 1.23 -5.48
N ILE B 429 -6.23 0.68 -6.60
CA ILE B 429 -6.60 -0.68 -6.95
C ILE B 429 -5.96 -1.66 -5.96
N ILE B 430 -4.76 -1.37 -5.46
CA ILE B 430 -4.16 -2.21 -4.44
C ILE B 430 -5.02 -2.24 -3.18
N LEU B 431 -5.48 -1.06 -2.75
CA LEU B 431 -6.36 -1.01 -1.59
C LEU B 431 -7.69 -1.71 -1.85
N LEU B 432 -8.20 -1.63 -3.08
CA LEU B 432 -9.43 -2.35 -3.43
C LEU B 432 -9.23 -3.85 -3.35
N LEU B 433 -8.12 -4.35 -3.89
CA LEU B 433 -7.83 -5.78 -3.80
C LEU B 433 -7.71 -6.21 -2.35
N GLY B 434 -7.06 -5.40 -1.53
CA GLY B 434 -6.94 -5.72 -0.13
C GLY B 434 -8.28 -5.76 0.58
N GLY B 435 -9.15 -4.79 0.28
CA GLY B 435 -10.48 -4.81 0.86
C GLY B 435 -11.25 -6.05 0.48
N GLY B 436 -11.12 -6.48 -0.78
CA GLY B 436 -11.75 -7.73 -1.19
C GLY B 436 -11.20 -8.92 -0.41
N PHE B 437 -9.88 -8.99 -0.26
CA PHE B 437 -9.28 -10.11 0.46
C PHE B 437 -9.77 -10.15 1.91
N ALA B 438 -9.79 -8.98 2.57
CA ALA B 438 -10.19 -8.94 3.98
C ALA B 438 -11.68 -9.22 4.14
N MET B 439 -12.51 -8.78 3.19
CA MET B 439 -13.92 -9.10 3.28
C MET B 439 -14.14 -10.60 3.13
N ALA B 440 -13.37 -11.24 2.25
CA ALA B 440 -13.44 -12.69 2.13
C ALA B 440 -13.02 -13.37 3.43
N LYS B 441 -11.95 -12.88 4.04
CA LYS B 441 -11.51 -13.43 5.33
C LYS B 441 -12.60 -13.30 6.39
N GLY B 442 -13.20 -12.11 6.49
CA GLY B 442 -14.24 -11.89 7.49
C GLY B 442 -15.48 -12.74 7.23
N CYS B 443 -15.87 -12.86 5.97
CA CYS B 443 -17.00 -13.71 5.61
C CYS B 443 -16.74 -15.16 5.96
N GLU B 444 -15.51 -15.64 5.77
CA GLU B 444 -15.19 -17.01 6.13
C GLU B 444 -15.23 -17.21 7.64
N GLU B 445 -14.54 -16.34 8.39
CA GLU B 445 -14.40 -16.56 9.82
C GLU B 445 -15.67 -16.22 10.61
N SER B 446 -16.49 -15.29 10.12
CA SER B 446 -17.73 -14.98 10.82
C SER B 446 -18.76 -16.08 10.72
N GLY B 447 -18.54 -17.08 9.88
CA GLY B 447 -19.54 -18.11 9.66
C GLY B 447 -20.61 -17.74 8.66
N LEU B 448 -20.46 -16.62 7.94
CA LEU B 448 -21.43 -16.27 6.92
C LEU B 448 -21.39 -17.23 5.74
N SER B 449 -20.20 -17.74 5.41
CA SER B 449 -20.08 -18.64 4.28
C SER B 449 -20.89 -19.92 4.48
N VAL B 450 -20.77 -20.54 5.66
CA VAL B 450 -21.52 -21.76 5.90
C VAL B 450 -23.02 -21.48 5.96
N TRP B 451 -23.40 -20.30 6.46
CA TRP B 451 -24.81 -19.93 6.47
C TRP B 451 -25.35 -19.81 5.05
N ILE B 452 -24.60 -19.17 4.16
CA ILE B 452 -25.03 -19.05 2.77
C ILE B 452 -25.08 -20.43 2.10
N GLY B 453 -24.10 -21.27 2.40
CA GLY B 453 -24.11 -22.62 1.85
C GLY B 453 -25.32 -23.41 2.28
N GLY B 454 -25.71 -23.27 3.56
CA GLY B 454 -26.93 -23.91 4.03
C GLY B 454 -28.18 -23.34 3.38
N GLN B 455 -28.20 -22.02 3.18
CA GLN B 455 -29.36 -21.37 2.57
C GLN B 455 -29.49 -21.71 1.08
N LEU B 456 -28.40 -22.11 0.44
CA LEU B 456 -28.41 -22.43 -0.99
C LEU B 456 -28.92 -23.83 -1.29
N HIS B 457 -29.68 -24.44 -0.39
CA HIS B 457 -30.19 -25.78 -0.63
C HIS B 457 -31.05 -25.93 -1.89
N PRO B 458 -31.93 -24.99 -2.27
CA PRO B 458 -32.77 -25.24 -3.45
C PRO B 458 -31.99 -25.36 -4.76
N LEU B 459 -30.74 -24.88 -4.79
CA LEU B 459 -29.95 -24.90 -6.01
C LEU B 459 -29.03 -26.11 -6.12
N GLU B 460 -29.22 -27.12 -5.27
CA GLU B 460 -28.33 -28.28 -5.28
C GLU B 460 -28.63 -29.27 -6.40
N ASN B 461 -29.75 -29.11 -7.10
CA ASN B 461 -30.14 -30.03 -8.17
C ASN B 461 -29.79 -29.49 -9.56
N VAL B 462 -29.23 -28.30 -9.65
CA VAL B 462 -28.88 -27.72 -10.96
C VAL B 462 -27.65 -28.44 -11.51
N PRO B 463 -27.65 -28.85 -12.78
CA PRO B 463 -26.46 -29.47 -13.37
C PRO B 463 -25.29 -28.50 -13.35
N PRO B 464 -24.07 -29.00 -13.10
CA PRO B 464 -22.92 -28.08 -12.94
C PRO B 464 -22.66 -27.20 -14.16
N ALA B 465 -22.78 -27.75 -15.38
CA ALA B 465 -22.56 -26.93 -16.56
C ALA B 465 -23.63 -25.86 -16.70
N LEU B 466 -24.89 -26.21 -16.43
CA LEU B 466 -25.96 -25.22 -16.46
C LEU B 466 -25.75 -24.17 -15.37
N ALA B 467 -25.27 -24.60 -14.21
CA ALA B 467 -24.96 -23.66 -13.14
C ALA B 467 -23.88 -22.68 -13.57
N VAL B 468 -22.85 -23.17 -14.26
CA VAL B 468 -21.80 -22.30 -14.76
C VAL B 468 -22.36 -21.32 -15.77
N LEU B 469 -23.23 -21.80 -16.67
CA LEU B 469 -23.84 -20.90 -17.65
C LEU B 469 -24.62 -19.79 -16.98
N LEU B 470 -25.46 -20.15 -16.00
CA LEU B 470 -26.27 -19.15 -15.31
C LEU B 470 -25.42 -18.16 -14.52
N ILE B 471 -24.40 -18.64 -13.80
CA ILE B 471 -23.60 -17.71 -13.02
C ILE B 471 -22.80 -16.78 -13.93
N THR B 472 -22.29 -17.32 -15.05
CA THR B 472 -21.58 -16.47 -16.00
C THR B 472 -22.51 -15.41 -16.58
N VAL B 473 -23.73 -15.80 -16.94
CA VAL B 473 -24.69 -14.83 -17.48
C VAL B 473 -25.02 -13.76 -16.45
N VAL B 474 -25.28 -14.17 -15.21
CA VAL B 474 -25.65 -13.23 -14.17
C VAL B 474 -24.52 -12.25 -13.89
N ILE B 475 -23.29 -12.74 -13.79
CA ILE B 475 -22.17 -11.87 -13.49
C ILE B 475 -21.85 -10.95 -14.67
N ALA B 476 -21.95 -11.48 -15.90
CA ALA B 476 -21.70 -10.65 -17.07
C ALA B 476 -22.78 -9.58 -17.23
N PHE B 477 -24.00 -9.85 -16.75
CA PHE B 477 -25.03 -8.81 -16.76
C PHE B 477 -24.80 -7.80 -15.65
N PHE B 478 -24.36 -8.27 -14.47
CA PHE B 478 -24.14 -7.37 -13.35
C PHE B 478 -22.97 -6.42 -13.60
N THR B 479 -21.91 -6.91 -14.24
CA THR B 479 -20.72 -6.10 -14.46
C THR B 479 -20.95 -4.96 -15.44
N GLU B 480 -22.07 -4.94 -16.16
CA GLU B 480 -22.37 -3.85 -17.06
C GLU B 480 -22.68 -2.55 -16.33
N PHE B 481 -22.97 -2.60 -15.03
CA PHE B 481 -23.31 -1.42 -14.26
C PHE B 481 -22.33 -1.12 -13.12
N ALA B 482 -21.52 -2.09 -12.70
CA ALA B 482 -20.55 -1.90 -11.64
C ALA B 482 -19.16 -2.27 -12.15
N SER B 483 -18.15 -1.87 -11.38
CA SER B 483 -16.77 -2.20 -11.75
C SER B 483 -16.55 -3.69 -11.66
N ASN B 484 -15.65 -4.19 -12.51
CA ASN B 484 -15.39 -5.63 -12.56
C ASN B 484 -14.86 -6.13 -11.23
N THR B 485 -13.92 -5.38 -10.65
CA THR B 485 -13.30 -5.82 -9.40
C THR B 485 -14.32 -5.90 -8.27
N ALA B 486 -15.17 -4.87 -8.14
CA ALA B 486 -16.20 -4.90 -7.11
C ALA B 486 -17.17 -6.04 -7.34
N THR B 487 -17.56 -6.27 -8.60
CA THR B 487 -18.49 -7.35 -8.91
C THR B 487 -17.92 -8.71 -8.49
N ILE B 488 -16.67 -8.98 -8.85
CA ILE B 488 -16.10 -10.28 -8.50
C ILE B 488 -15.88 -10.38 -7.00
N ILE B 489 -15.51 -9.27 -6.35
CA ILE B 489 -15.32 -9.28 -4.90
C ILE B 489 -16.63 -9.66 -4.21
N ILE B 490 -17.74 -9.08 -4.67
CA ILE B 490 -19.04 -9.40 -4.08
C ILE B 490 -19.42 -10.84 -4.36
N PHE B 491 -19.24 -11.31 -5.60
CA PHE B 491 -19.84 -12.56 -6.02
C PHE B 491 -18.99 -13.80 -5.75
N LEU B 492 -17.69 -13.65 -5.48
CA LEU B 492 -16.84 -14.83 -5.36
C LEU B 492 -17.20 -15.74 -4.18
N PRO B 493 -17.44 -15.24 -2.96
CA PRO B 493 -17.85 -16.17 -1.89
C PRO B 493 -19.14 -16.92 -2.21
N VAL B 494 -20.07 -16.28 -2.91
CA VAL B 494 -21.30 -16.95 -3.30
C VAL B 494 -20.99 -18.10 -4.24
N LEU B 495 -20.10 -17.87 -5.22
CA LEU B 495 -19.73 -18.94 -6.13
C LEU B 495 -19.00 -20.07 -5.40
N ALA B 496 -18.14 -19.71 -4.45
CA ALA B 496 -17.46 -20.73 -3.65
C ALA B 496 -18.45 -21.62 -2.92
N GLU B 497 -19.42 -21.00 -2.24
CA GLU B 497 -20.39 -21.78 -1.48
C GLU B 497 -21.29 -22.59 -2.40
N LEU B 498 -21.68 -22.03 -3.54
CA LEU B 498 -22.49 -22.77 -4.49
C LEU B 498 -21.75 -23.98 -5.03
N ALA B 499 -20.47 -23.83 -5.34
CA ALA B 499 -19.67 -24.95 -5.82
C ALA B 499 -19.52 -26.01 -4.74
N ILE B 500 -19.35 -25.59 -3.48
CA ILE B 500 -19.27 -26.55 -2.38
C ILE B 500 -20.57 -27.32 -2.25
N ARG B 501 -21.71 -26.62 -2.36
CA ARG B 501 -23.00 -27.28 -2.26
C ARG B 501 -23.23 -28.26 -3.40
N LEU B 502 -22.81 -27.90 -4.62
CA LEU B 502 -23.01 -28.75 -5.79
C LEU B 502 -22.04 -29.94 -5.84
N ARG B 503 -21.13 -30.05 -4.88
CA ARG B 503 -20.15 -31.14 -4.85
C ARG B 503 -19.31 -31.15 -6.13
N VAL B 504 -18.88 -29.97 -6.55
CA VAL B 504 -18.06 -29.79 -7.74
C VAL B 504 -16.86 -28.94 -7.35
N HIS B 505 -15.82 -29.01 -8.17
CA HIS B 505 -14.58 -28.28 -7.89
C HIS B 505 -14.88 -26.79 -7.75
N PRO B 506 -14.41 -26.14 -6.68
CA PRO B 506 -14.73 -24.71 -6.51
C PRO B 506 -14.26 -23.84 -7.65
N LEU B 507 -13.09 -24.15 -8.23
CA LEU B 507 -12.58 -23.35 -9.33
C LEU B 507 -13.48 -23.45 -10.56
N TYR B 508 -14.17 -24.59 -10.72
CA TYR B 508 -15.06 -24.79 -11.87
C TYR B 508 -16.17 -23.77 -11.92
N LEU B 509 -16.47 -23.11 -10.81
CA LEU B 509 -17.40 -21.98 -10.78
C LEU B 509 -16.73 -20.65 -10.50
N MET B 510 -15.60 -20.64 -9.78
CA MET B 510 -14.91 -19.39 -9.51
C MET B 510 -14.32 -18.80 -10.78
N ILE B 511 -13.60 -19.61 -11.56
CA ILE B 511 -12.96 -19.09 -12.78
C ILE B 511 -13.99 -18.57 -13.76
N PRO B 512 -15.12 -19.25 -14.03
CA PRO B 512 -16.13 -18.63 -14.90
C PRO B 512 -16.57 -17.25 -14.43
N GLY B 513 -16.81 -17.08 -13.13
CA GLY B 513 -17.18 -15.77 -12.64
C GLY B 513 -16.07 -14.74 -12.77
N THR B 514 -14.83 -15.16 -12.48
CA THR B 514 -13.70 -14.25 -12.58
C THR B 514 -13.50 -13.76 -14.00
N VAL B 515 -13.59 -14.66 -14.98
CA VAL B 515 -13.44 -14.25 -16.37
C VAL B 515 -14.64 -13.43 -16.83
N GLY B 516 -15.86 -13.84 -16.43
CA GLY B 516 -17.05 -13.20 -16.93
C GLY B 516 -17.33 -11.83 -16.34
N CYS B 517 -16.78 -11.54 -15.16
CA CYS B 517 -16.94 -10.19 -14.62
C CYS B 517 -16.21 -9.16 -15.46
N SER B 518 -15.27 -9.60 -16.29
CA SER B 518 -14.60 -8.71 -17.24
C SER B 518 -15.36 -8.55 -18.54
N PHE B 519 -16.46 -9.30 -18.73
CA PHE B 519 -17.27 -9.20 -19.94
C PHE B 519 -18.19 -7.98 -19.86
N ALA B 520 -17.56 -6.81 -19.83
CA ALA B 520 -18.26 -5.53 -19.75
C ALA B 520 -18.10 -4.82 -21.09
N PHE B 521 -19.14 -4.87 -21.91
CA PHE B 521 -19.08 -4.34 -23.27
C PHE B 521 -20.21 -3.40 -23.63
N MET B 522 -21.31 -3.37 -22.87
CA MET B 522 -22.51 -2.70 -23.34
C MET B 522 -22.55 -1.22 -23.01
N LEU B 523 -21.97 -0.80 -21.89
CA LEU B 523 -22.16 0.56 -21.43
C LEU B 523 -20.83 1.26 -21.20
N PRO B 524 -20.80 2.59 -21.33
CA PRO B 524 -19.57 3.32 -20.99
C PRO B 524 -19.16 3.18 -19.54
N VAL B 525 -20.13 3.04 -18.63
CA VAL B 525 -19.86 2.97 -17.20
C VAL B 525 -19.42 1.56 -16.84
N SER B 526 -19.43 0.66 -17.82
CA SER B 526 -19.05 -0.72 -17.55
C SER B 526 -17.57 -0.86 -17.21
N THR B 527 -16.70 -0.13 -17.90
CA THR B 527 -15.27 -0.31 -17.76
C THR B 527 -14.59 0.92 -18.33
N PRO B 528 -13.56 1.46 -17.67
CA PRO B 528 -13.03 2.80 -18.03
C PRO B 528 -12.57 2.89 -19.48
N PRO B 529 -12.05 1.81 -20.09
CA PRO B 529 -11.85 1.85 -21.54
C PRO B 529 -13.09 2.24 -22.33
N ASN B 530 -14.26 1.73 -21.94
CA ASN B 530 -15.50 2.13 -22.61
C ASN B 530 -15.78 3.60 -22.38
N SER B 531 -15.46 4.10 -21.19
CA SER B 531 -15.64 5.53 -20.92
C SER B 531 -14.76 6.37 -21.83
N ILE B 532 -13.51 5.95 -22.04
CA ILE B 532 -12.61 6.68 -22.95
C ILE B 532 -13.15 6.62 -24.37
N ALA B 533 -13.62 5.45 -24.79
CA ALA B 533 -14.16 5.31 -26.14
C ALA B 533 -15.35 6.23 -26.37
N PHE B 534 -16.26 6.31 -25.38
CA PHE B 534 -17.37 7.23 -25.49
C PHE B 534 -16.90 8.68 -25.47
N ALA B 535 -15.89 8.99 -24.65
CA ALA B 535 -15.34 10.33 -24.60
C ALA B 535 -14.66 10.73 -25.91
N SER B 536 -14.31 9.75 -26.75
CA SER B 536 -13.79 10.09 -28.07
C SER B 536 -14.79 10.90 -28.88
N GLY B 537 -16.09 10.75 -28.59
CA GLY B 537 -17.12 11.58 -29.17
C GLY B 537 -17.73 11.08 -30.46
N HIS B 538 -17.22 9.99 -31.03
CA HIS B 538 -17.73 9.45 -32.27
C HIS B 538 -18.57 8.19 -32.08
N LEU B 539 -18.88 7.82 -30.84
CA LEU B 539 -19.62 6.61 -30.55
C LEU B 539 -20.95 6.94 -29.89
N LEU B 540 -21.93 6.07 -30.10
CA LEU B 540 -23.25 6.20 -29.50
C LEU B 540 -23.50 4.99 -28.60
N VAL B 541 -24.39 5.18 -27.62
CA VAL B 541 -24.72 4.10 -26.70
C VAL B 541 -25.40 2.96 -27.44
N LYS B 542 -26.19 3.28 -28.47
CA LYS B 542 -26.88 2.24 -29.23
C LYS B 542 -25.89 1.31 -29.91
N ASP B 543 -24.84 1.87 -30.52
CA ASP B 543 -23.84 1.04 -31.18
C ASP B 543 -23.15 0.12 -30.18
N MET B 544 -22.76 0.68 -29.03
CA MET B 544 -22.05 -0.12 -28.03
C MET B 544 -22.94 -1.23 -27.48
N VAL B 545 -24.21 -0.95 -27.22
CA VAL B 545 -25.08 -2.01 -26.69
C VAL B 545 -25.34 -3.07 -27.77
N ARG B 546 -25.51 -2.64 -29.03
CA ARG B 546 -25.76 -3.58 -30.10
C ARG B 546 -24.58 -4.53 -30.29
N THR B 547 -23.35 -4.00 -30.22
CA THR B 547 -22.19 -4.87 -30.32
C THR B 547 -22.00 -5.71 -29.05
N GLY B 548 -22.21 -5.08 -27.89
CA GLY B 548 -21.89 -5.75 -26.64
C GLY B 548 -22.84 -6.87 -26.29
N LEU B 549 -24.07 -6.83 -26.82
CA LEU B 549 -24.97 -7.96 -26.59
C LEU B 549 -24.37 -9.25 -27.16
N LEU B 550 -23.97 -9.21 -28.43
CA LEU B 550 -23.36 -10.39 -29.03
C LEU B 550 -21.96 -10.65 -28.47
N MET B 551 -21.25 -9.60 -28.06
CA MET B 551 -19.96 -9.82 -27.40
C MET B 551 -20.14 -10.62 -26.11
N ASN B 552 -21.12 -10.25 -25.30
CA ASN B 552 -21.41 -11.00 -24.08
C ASN B 552 -21.85 -12.42 -24.39
N LEU B 553 -22.69 -12.59 -25.41
CA LEU B 553 -23.15 -13.93 -25.76
C LEU B 553 -21.98 -14.82 -26.17
N MET B 554 -21.14 -14.32 -27.08
CA MET B 554 -19.99 -15.10 -27.53
C MET B 554 -19.02 -15.36 -26.40
N GLY B 555 -18.80 -14.36 -25.53
CA GLY B 555 -17.91 -14.56 -24.40
C GLY B 555 -18.40 -15.63 -23.46
N VAL B 556 -19.71 -15.62 -23.17
CA VAL B 556 -20.28 -16.63 -22.28
C VAL B 556 -20.16 -18.02 -22.91
N LEU B 557 -20.48 -18.13 -24.20
CA LEU B 557 -20.40 -19.43 -24.86
C LEU B 557 -18.95 -19.95 -24.89
N LEU B 558 -18.02 -19.10 -25.25
CA LEU B 558 -16.61 -19.52 -25.31
C LEU B 558 -16.07 -19.83 -23.93
N LEU B 559 -16.52 -19.09 -22.91
CA LEU B 559 -16.10 -19.38 -21.54
C LEU B 559 -16.62 -20.74 -21.09
N SER B 560 -17.87 -21.05 -21.42
CA SER B 560 -18.41 -22.37 -21.09
C SER B 560 -17.63 -23.46 -21.80
N LEU B 561 -17.30 -23.26 -23.07
CA LEU B 561 -16.48 -24.22 -23.81
C LEU B 561 -15.13 -24.41 -23.13
N ALA B 562 -14.48 -23.31 -22.76
CA ALA B 562 -13.16 -23.39 -22.13
C ALA B 562 -13.23 -24.13 -20.79
N MET B 563 -14.25 -23.83 -19.98
CA MET B 563 -14.35 -24.45 -18.67
C MET B 563 -14.80 -25.90 -18.75
N ASN B 564 -15.40 -26.31 -19.87
CA ASN B 564 -15.87 -27.68 -20.01
C ASN B 564 -14.94 -28.58 -20.83
N THR B 565 -13.97 -28.01 -21.56
CA THR B 565 -13.11 -28.84 -22.39
C THR B 565 -11.66 -28.87 -21.93
N TRP B 566 -10.99 -27.72 -21.81
CA TRP B 566 -9.55 -27.74 -21.52
C TRP B 566 -9.18 -27.16 -20.17
N ALA B 567 -10.12 -26.54 -19.45
CA ALA B 567 -9.83 -26.17 -18.08
C ALA B 567 -9.81 -27.39 -17.17
N GLN B 568 -10.51 -28.46 -17.58
CA GLN B 568 -10.55 -29.67 -16.77
C GLN B 568 -9.17 -30.31 -16.68
N THR B 569 -8.44 -30.35 -17.79
CA THR B 569 -7.11 -30.96 -17.78
C THR B 569 -6.06 -30.04 -17.18
N ILE B 570 -6.34 -28.74 -17.08
CA ILE B 570 -5.36 -27.81 -16.53
C ILE B 570 -5.49 -27.72 -15.02
N PHE B 571 -6.71 -27.46 -14.52
CA PHE B 571 -6.94 -27.28 -13.11
C PHE B 571 -7.44 -28.55 -12.42
N GLN B 572 -7.54 -29.67 -13.14
CA GLN B 572 -8.01 -30.94 -12.58
C GLN B 572 -9.40 -30.78 -11.97
N LEU B 573 -10.30 -30.13 -12.71
CA LEU B 573 -11.65 -29.87 -12.24
C LEU B 573 -12.56 -31.09 -12.30
N GLY B 574 -12.09 -32.20 -12.89
CA GLY B 574 -12.95 -33.36 -13.00
C GLY B 574 -13.35 -33.95 -11.66
N THR B 575 -12.40 -34.01 -10.73
CA THR B 575 -12.63 -34.60 -9.42
C THR B 575 -12.80 -33.51 -8.37
N PHE B 576 -13.65 -33.77 -7.40
CA PHE B 576 -13.82 -32.86 -6.26
C PHE B 576 -12.56 -32.90 -5.42
N PRO B 577 -11.85 -31.78 -5.24
CA PRO B 577 -10.60 -31.82 -4.48
C PRO B 577 -10.83 -32.12 -3.01
N ASP B 578 -9.85 -32.79 -2.41
CA ASP B 578 -9.97 -33.15 -1.00
C ASP B 578 -9.88 -31.94 -0.10
N TRP B 579 -9.13 -30.92 -0.49
CA TRP B 579 -8.99 -29.72 0.34
C TRP B 579 -10.23 -28.86 0.35
N ALA B 580 -11.21 -29.15 -0.51
CA ALA B 580 -12.45 -28.38 -0.49
C ALA B 580 -13.32 -28.71 0.70
N ASP B 581 -13.12 -29.87 1.33
CA ASP B 581 -13.90 -30.25 2.50
C ASP B 581 -13.12 -30.02 3.79
C10 XKH C . 7.66 0.81 18.61
C02 XKH C . 4.84 2.83 20.41
C04 XKH C . 6.86 0.91 20.98
C07 XKH C . 5.69 2.35 19.18
C08 XKH C . 6.69 3.44 18.77
C09 XKH C . 6.40 1.00 19.49
O01 XKH C . 3.94 2.08 20.89
O03 XKH C . 5.08 3.96 20.91
O05 XKH C . 7.63 1.78 21.46
O06 XKH C . 6.44 -0.06 21.67
C01 C14 D . 21.32 -7.31 -5.14
C02 C14 D . 20.73 -7.32 -3.75
C03 C14 D . 20.44 -8.69 -3.22
C04 C14 D . 21.64 -9.59 -3.12
C05 C14 D . 21.36 -10.94 -2.48
C06 C14 D . 22.57 -11.82 -2.32
C07 C14 D . 22.30 -13.08 -1.53
C08 C14 D . 23.54 -13.90 -1.25
C09 C14 D . 23.34 -14.98 -0.21
C10 C14 D . 24.63 -15.65 0.23
C11 C14 D . 24.49 -16.49 1.47
C12 C14 D . 23.67 -17.75 1.30
C13 C14 D . 24.30 -18.76 0.37
C14 C14 D . 23.55 -20.06 0.32
C01 C14 E . 17.52 -12.46 -6.90
C02 C14 E . 18.51 -12.92 -5.85
C03 C14 E . 18.20 -14.29 -5.30
C04 C14 E . 19.17 -14.76 -4.24
C05 C14 E . 18.84 -16.12 -3.67
C06 C14 E . 19.79 -16.58 -2.59
C07 C14 E . 19.44 -17.91 -1.97
C08 C14 E . 20.36 -18.34 -0.87
C09 C14 E . 19.96 -19.63 -0.19
C10 C14 E . 19.95 -20.84 -1.10
C11 C14 E . 19.61 -22.13 -0.40
C12 C14 E . 18.26 -22.13 0.27
C13 C14 E . 17.93 -23.41 1.01
C14 C14 E . 18.90 -23.73 2.11
C1 CLR F . 34.17 -12.13 9.94
C2 CLR F . 34.45 -13.51 10.54
C3 CLR F . 34.57 -13.45 12.04
C4 CLR F . 33.30 -12.86 12.63
C5 CLR F . 32.97 -11.51 12.03
C6 CLR F . 32.74 -10.46 12.82
C7 CLR F . 32.29 -9.11 12.33
C8 CLR F . 31.91 -9.10 10.86
C9 CLR F . 32.92 -9.95 10.06
C10 CLR F . 32.92 -11.43 10.51
C11 CLR F . 32.72 -9.78 8.54
C12 CLR F . 32.75 -8.32 8.09
C13 CLR F . 31.67 -7.51 8.82
C14 CLR F . 31.92 -7.66 10.33
C15 CLR F . 31.02 -6.62 10.99
C16 CLR F . 30.93 -5.50 9.94
C17 CLR F . 31.78 -5.95 8.72
C18 CLR F . 30.26 -7.97 8.40
C19 CLR F . 31.65 -12.18 10.05
C20 CLR F . 31.45 -5.20 7.42
C21 CLR F . 32.56 -5.33 6.39
C22 CLR F . 31.16 -3.72 7.74
C23 CLR F . 31.21 -2.77 6.56
C24 CLR F . 30.13 -3.04 5.52
C25 CLR F . 30.21 -2.14 4.28
C26 CLR F . 29.24 -2.60 3.20
C27 CLR F . 29.96 -0.69 4.63
O1 CLR F . 34.80 -14.76 12.57
C1 CLR G . 29.89 -12.54 14.28
C2 CLR G . 30.06 -13.94 14.87
C3 CLR G . 30.99 -13.93 16.07
C4 CLR G . 30.46 -12.96 17.12
C5 CLR G . 30.23 -11.58 16.54
C6 CLR G . 30.78 -10.51 17.12
C7 CLR G . 30.50 -9.10 16.73
C8 CLR G . 29.34 -8.98 15.75
C9 CLR G . 29.46 -10.08 14.67
C10 CLR G . 29.36 -11.50 15.30
C11 CLR G . 28.47 -9.87 13.52
C12 CLR G . 28.49 -8.46 12.93
C13 CLR G . 28.22 -7.41 14.02
C14 CLR G . 29.31 -7.61 15.09
C15 CLR G . 29.23 -6.37 15.98
C16 CLR G . 28.68 -5.27 15.05
C17 CLR G . 28.46 -5.92 13.66
C18 CLR G . 26.81 -7.59 14.60
C19 CLR G . 27.93 -11.86 15.70
C20 CLR G . 27.43 -5.16 12.80
C21 CLR G . 27.55 -5.44 11.31
C22 CLR G . 27.45 -3.65 13.09
C23 CLR G . 28.38 -2.82 12.21
C24 CLR G . 29.82 -2.82 12.65
C25 CLR G . 30.25 -1.64 13.55
C26 CLR G . 29.66 -1.75 14.95
C27 CLR G . 29.88 -0.31 12.92
O1 CLR G . 31.08 -15.25 16.63
C1 CLR H . 28.79 -12.47 20.94
C2 CLR H . 30.24 -12.70 21.37
C3 CLR H . 30.38 -12.60 22.88
C4 CLR H . 30.02 -11.19 23.32
C5 CLR H . 29.23 -10.41 22.29
C6 CLR H . 29.48 -9.13 22.09
C7 CLR H . 28.65 -8.21 21.24
C8 CLR H . 27.36 -8.86 20.76
C9 CLR H . 27.64 -10.31 20.34
C10 CLR H . 28.16 -11.18 21.52
C11 CLR H . 26.43 -10.95 19.63
C12 CLR H . 25.90 -10.10 18.47
C13 CLR H . 25.51 -8.70 18.95
C14 CLR H . 26.77 -8.09 19.59
C15 CLR H . 26.42 -6.61 19.78
C16 CLR H . 25.47 -6.30 18.61
C17 CLR H . 25.22 -7.63 17.85
C18 CLR H . 24.33 -8.77 19.95
C19 CLR H . 27.02 -11.53 22.50
C20 CLR H . 23.90 -7.64 17.08
C21 CLR H . 23.73 -8.86 16.18
C22 CLR H . 23.74 -6.34 16.27
C23 CLR H . 22.41 -5.65 16.37
C24 CLR H . 21.22 -6.55 16.07
C25 CLR H . 20.63 -6.45 14.66
C26 CLR H . 19.40 -7.34 14.51
C27 CLR H . 21.65 -6.77 13.58
O1 CLR H . 29.48 -13.54 23.48
C01 C14 I . -4.16 13.97 31.20
C02 C14 I . -3.22 14.33 32.32
C03 C14 I . -2.93 13.19 33.26
C04 C14 I . -4.13 12.64 33.97
C05 C14 I . -3.82 11.54 34.97
C06 C14 I . -2.84 11.96 36.04
C07 C14 I . -2.66 10.96 37.16
C08 C14 I . -2.09 9.63 36.76
C09 C14 I . -3.11 8.55 36.52
C10 C14 I . -4.00 8.23 37.72
C11 C14 I . -3.51 7.12 38.61
C12 C14 I . -2.22 7.40 39.35
C13 C14 I . -1.84 6.32 40.34
C14 C14 I . -1.73 4.95 39.73
C1 CLR J . -15.35 4.87 31.34
C2 CLR J . -15.40 3.56 32.12
C3 CLR J . -16.81 3.02 32.20
C4 CLR J . -17.36 2.82 30.80
C5 CLR J . -17.29 4.09 29.97
C6 CLR J . -18.36 4.58 29.37
C7 CLR J . -18.36 5.74 28.43
C8 CLR J . -16.96 6.19 28.05
C9 CLR J . -16.06 6.18 29.29
C10 CLR J . -15.91 4.75 29.89
C11 CLR J . -14.69 6.84 29.00
C12 CLR J . -14.81 8.23 28.38
C13 CLR J . -15.62 8.19 27.08
C14 CLR J . -17.00 7.59 27.44
C15 CLR J . -17.87 7.84 26.22
C16 CLR J . -17.36 9.20 25.68
C17 CLR J . -16.09 9.55 26.49
C18 CLR J . -14.90 7.37 26.01
C19 CLR J . -15.01 3.85 29.05
C20 CLR J . -15.10 10.43 25.68
C21 CLR J . -14.09 11.17 26.56
C22 CLR J . -15.88 11.42 24.80
C23 CLR J . -15.66 11.26 23.31
C24 CLR J . -16.61 12.11 22.47
C25 CLR J . -16.05 13.43 21.95
C26 CLR J . -14.81 13.22 21.11
C27 CLR J . -15.79 14.43 23.07
O1 CLR J . -16.82 1.77 32.91
C1 CLR K . -24.83 20.74 -2.90
C2 CLR K . -25.78 21.42 -3.88
C3 CLR K . -25.53 22.91 -3.98
C4 CLR K . -25.14 23.49 -2.63
C5 CLR K . -25.59 22.62 -1.47
C6 CLR K . -26.46 23.07 -0.56
C7 CLR K . -27.11 22.24 0.49
C8 CLR K . -26.51 20.84 0.63
C9 CLR K . -26.09 20.29 -0.74
C10 CLR K . -25.04 21.21 -1.44
C11 CLR K . -25.63 18.83 -0.65
C12 CLR K . -26.68 17.92 0.02
C13 CLR K . -27.03 18.43 1.43
C14 CLR K . -27.50 19.89 1.26
C15 CLR K . -28.11 20.24 2.62
C16 CLR K . -28.76 18.93 3.08
C17 CLR K . -28.30 17.81 2.09
C18 CLR K . -25.83 18.32 2.37
C19 CLR K . -23.71 21.21 -0.68
C20 CLR K . -28.26 16.43 2.76
C21 CLR K . -27.99 15.29 1.78
C22 CLR K . -29.57 16.18 3.52
C23 CLR K . -29.62 14.91 4.33
C24 CLR K . -30.96 14.69 5.00
C25 CLR K . -31.07 13.42 5.85
C26 CLR K . -32.47 13.26 6.42
C27 CLR K . -30.03 13.39 6.95
O1 CLR K . -24.50 23.19 -4.93
C01 C14 L . -18.39 25.12 16.67
C02 C14 L . -18.45 26.23 15.66
C03 C14 L . -19.65 26.26 14.72
C04 C14 L . -19.70 25.27 13.58
C05 C14 L . -20.04 23.86 13.98
C06 C14 L . -20.01 22.86 12.84
C07 C14 L . -18.70 22.84 12.08
C08 C14 L . -18.50 21.61 11.23
C09 C14 L . -18.45 20.33 12.03
C10 C14 L . -18.19 19.09 11.22
C11 C14 L . -18.15 17.81 12.02
C12 C14 L . -17.92 16.57 11.20
C13 C14 L . -17.85 15.30 11.99
C14 C14 L . -19.12 15.00 12.76
NA NA M . -4.66 -4.28 -18.04
NA NA N . -17.79 -3.65 -15.16
C01 C14 O . -21.47 6.11 7.04
C02 C14 O . -20.84 4.77 6.75
C03 C14 O . -20.71 3.88 7.95
C04 C14 O . -22.03 3.56 8.62
C05 C14 O . -21.92 2.57 9.76
C06 C14 O . -23.24 2.20 10.38
C07 C14 O . -23.17 1.07 11.37
C08 C14 O . -24.53 0.58 11.84
C09 C14 O . -24.49 -0.73 12.58
C10 C14 O . -25.86 -1.36 12.78
C11 C14 O . -25.81 -2.82 13.16
C12 C14 O . -25.32 -3.10 14.55
C13 C14 O . -26.25 -2.65 15.64
C14 C14 O . -25.82 -3.07 17.02
C01 C14 P . -17.97 5.22 12.81
C02 C14 P . -19.11 4.23 12.85
C03 C14 P . -19.03 3.26 14.01
C04 C14 P . -20.15 2.26 14.06
C05 C14 P . -20.04 1.26 15.18
C06 C14 P . -21.15 0.24 15.23
C07 C14 P . -20.99 -0.82 16.29
C08 C14 P . -22.12 -1.83 16.31
C09 C14 P . -21.92 -2.96 17.29
C10 C14 P . -21.80 -2.53 18.73
C11 C14 P . -21.74 -3.67 19.72
C12 C14 P . -20.60 -4.63 19.48
C13 C14 P . -20.55 -5.78 20.46
C14 C14 P . -21.78 -6.65 20.45
P 3PE Q . -34.40 -16.24 6.24
N 3PE Q . -33.70 -18.65 8.13
O11 3PE Q . -33.74 -15.50 4.97
O12 3PE Q . -35.58 -15.43 6.68
O13 3PE Q . -34.93 -17.62 5.60
O14 3PE Q . -33.28 -16.54 7.20
C11 3PE Q . -35.54 -18.63 6.46
C12 3PE Q . -34.49 -19.45 7.17
C1 3PE Q . -33.16 -14.19 5.16
C2 3PE Q . -32.39 -13.74 3.93
C3 3PE Q . -31.51 -12.53 4.19
O31 3PE Q . -30.60 -12.34 3.09
O32 3PE Q . -32.25 -11.69 1.73
C31 3PE Q . -31.07 -11.80 1.98
C32 3PE Q . -29.95 -11.31 1.11
C33 3PE Q . -30.08 -9.86 0.75
C34 3PE Q . -30.76 -9.64 -0.60
C35 3PE Q . -29.90 -10.05 -1.76
C36 3PE Q . -28.58 -9.32 -1.84
C37 3PE Q . -28.72 -7.84 -2.13
C38 3PE Q . -29.15 -7.54 -3.55
C39 3PE Q . -28.15 -7.97 -4.60
C3A 3PE Q . -26.89 -7.14 -4.60
C3B 3PE Q . -27.07 -5.73 -5.08
C3C 3PE Q . -25.83 -4.88 -5.05
C3D 3PE Q . -25.97 -3.56 -5.77
C3E 3PE Q . -27.12 -2.72 -5.30
C3F 3PE Q . -27.39 -1.50 -6.14
C3G 3PE Q . -28.57 -0.68 -5.70
C3H 3PE Q . -28.90 0.48 -6.60
C3I 3PE Q . -27.76 1.46 -6.77
O21 3PE Q . -31.62 -14.83 3.37
O22 3PE Q . -33.21 -15.25 1.87
C21 3PE Q . -32.19 -15.59 2.42
C22 3PE Q . -31.47 -16.88 2.16
C23 3PE Q . -30.84 -16.95 0.80
C24 3PE Q . -29.67 -16.00 0.65
C25 3PE Q . -28.94 -16.10 -0.67
C26 3PE Q . -27.72 -15.23 -0.76
C27 3PE Q . -27.99 -13.76 -0.54
C28 3PE Q . -26.76 -12.90 -0.50
C29 3PE Q . -25.94 -12.93 -1.76
C2A 3PE Q . -24.70 -12.05 -1.71
C2B 3PE Q . -23.76 -12.40 -0.58
C2C 3PE Q . -22.50 -11.56 -0.55
C1 CLR R . -36.79 -8.34 4.14
C2 CLR R . -37.39 -9.24 5.24
C3 CLR R . -36.62 -10.53 5.37
C4 CLR R . -35.16 -10.24 5.64
C5 CLR R . -34.56 -9.32 4.60
C6 CLR R . -33.45 -9.67 3.95
C7 CLR R . -32.70 -8.79 3.00
C8 CLR R . -33.21 -7.35 3.02
C9 CLR R . -34.74 -7.33 3.06
C10 CLR R . -35.30 -8.02 4.35
C11 CLR R . -35.31 -5.91 2.87
C12 CLR R . -34.75 -5.21 1.62
C13 CLR R . -33.22 -5.15 1.66
C14 CLR R . -32.72 -6.60 1.78
C15 CLR R . -31.22 -6.52 1.51
C16 CLR R . -31.08 -5.37 0.50
C17 CLR R . -32.50 -4.74 0.34
C18 CLR R . -32.73 -4.27 2.82
C19 CLR R . -35.12 -7.13 5.59
C20 CLR R . -32.44 -3.26 -0.09
C21 CLR R . -33.78 -2.74 -0.62
C22 CLR R . -31.34 -3.05 -1.15
C23 CLR R . -31.19 -1.64 -1.65
C24 CLR R . -30.84 -0.64 -0.58
C25 CLR R . -30.82 0.82 -1.01
C26 CLR R . -30.47 1.74 0.14
C27 CLR R . -29.87 1.03 -2.18
O1 CLR R . -37.17 -11.32 6.43
C1 CLR S . -22.20 -31.23 -21.01
C2 CLR S . -22.15 -32.50 -20.16
C3 CLR S . -21.46 -33.63 -20.85
C4 CLR S . -20.05 -33.21 -21.25
C5 CLR S . -20.06 -31.95 -22.09
C6 CLR S . -19.46 -31.92 -23.26
C7 CLR S . -19.12 -30.68 -24.02
C8 CLR S . -19.71 -29.40 -23.41
C9 CLR S . -21.01 -29.71 -22.65
C10 CLR S . -20.81 -30.76 -21.52
C11 CLR S . -21.69 -28.43 -22.15
C12 CLR S . -21.89 -27.37 -23.25
C13 CLR S . -20.59 -27.05 -23.99
C14 CLR S . -20.03 -28.39 -24.50
C15 CLR S . -18.94 -28.00 -25.48
C16 CLR S . -19.55 -26.79 -26.21
C17 CLR S . -20.73 -26.27 -25.33
C18 CLR S . -19.60 -26.33 -23.07
C19 CLR S . -19.99 -30.18 -20.35
C20 CLR S . -20.78 -24.73 -25.30
C21 CLR S . -21.98 -24.19 -24.52
C22 CLR S . -20.76 -24.17 -26.73
C23 CLR S . -19.41 -23.71 -27.22
C24 CLR S . -19.42 -23.28 -28.66
C25 CLR S . -20.17 -21.98 -28.95
C26 CLR S . -21.11 -22.13 -30.14
C27 CLR S . -19.20 -20.83 -29.18
O1 CLR S . -21.41 -34.78 -20.01
C1 CLR T . 14.82 -30.09 -15.99
C2 CLR T . 14.66 -31.52 -15.46
C3 CLR T . 15.14 -31.65 -14.03
C4 CLR T . 14.39 -30.66 -13.15
C5 CLR T . 14.51 -29.25 -13.67
C6 CLR T . 14.97 -28.28 -12.89
C7 CLR T . 15.06 -26.83 -13.28
C8 CLR T . 14.27 -26.52 -14.55
C9 CLR T . 14.52 -27.61 -15.61
C10 CLR T . 14.09 -29.03 -15.12
C11 CLR T . 13.86 -27.22 -16.94
C12 CLR T . 14.29 -25.84 -17.45
C13 CLR T . 14.03 -24.74 -16.42
C14 CLR T . 14.73 -25.19 -15.12
C15 CLR T . 14.68 -23.94 -14.23
C16 CLR T . 14.96 -22.80 -15.22
C17 CLR T . 14.74 -23.37 -16.65
C18 CLR T . 12.52 -24.53 -16.22
C19 CLR T . 12.57 -29.24 -15.22
C20 CLR T . 14.17 -22.32 -17.61
C21 CLR T . 14.05 -22.78 -19.06
C22 CLR T . 15.02 -21.04 -17.52
C23 CLR T . 14.26 -19.75 -17.29
C24 CLR T . 15.12 -18.60 -16.82
C25 CLR T . 15.84 -17.79 -17.92
C26 CLR T . 14.90 -17.39 -19.05
C27 CLR T . 17.08 -18.49 -18.45
O1 CLR T . 14.93 -32.99 -13.56
P 3PE U . 14.04 -2.58 -36.24
N 3PE U . 14.48 -1.10 -39.73
O11 3PE U . 12.86 -3.64 -36.01
O12 3PE U . 14.44 -1.99 -34.92
O13 3PE U . 13.32 -1.43 -37.10
O14 3PE U . 15.08 -3.25 -37.09
C11 3PE U . 14.04 -0.22 -37.47
C12 3PE U . 15.09 -0.52 -38.50
C1 3PE U . 13.11 -4.87 -35.27
C2 3PE U . 13.12 -4.64 -33.78
C3 3PE U . 11.81 -4.10 -33.24
O31 3PE U . 11.76 -4.44 -31.84
O32 3PE U . 9.67 -3.69 -31.70
C31 3PE U . 10.59 -4.28 -31.22
C32 3PE U . 10.57 -4.98 -29.88
C33 3PE U . 11.06 -4.14 -28.75
C34 3PE U . 12.53 -3.78 -28.86
C35 3PE U . 13.48 -4.96 -28.81
C36 3PE U . 14.94 -4.56 -28.93
C37 3PE U . 15.90 -5.73 -28.98
C38 3PE U . 16.03 -6.50 -27.70
C39 3PE U . 17.13 -7.53 -27.72
C3A 3PE U . 16.94 -8.62 -28.75
C3B 3PE U . 16.08 -9.77 -28.29
C3C 3PE U . 16.79 -10.73 -27.37
C3D 3PE U . 15.95 -11.90 -26.92
C3E 3PE U . 14.89 -11.56 -25.90
C3F 3PE U . 15.45 -11.10 -24.57
C3G 3PE U . 16.40 -12.08 -23.92
C3H 3PE U . 15.80 -13.43 -23.61
C3I 3PE U . 14.66 -13.37 -22.63
O21 3PE U . 13.31 -5.88 -33.05
O22 3PE U . 15.46 -6.10 -33.72
C21 3PE U . 14.53 -6.46 -33.04
C22 3PE U . 14.57 -7.57 -32.04
C23 3PE U . 13.43 -8.53 -32.17
C24 3PE U . 13.27 -9.43 -30.95
C25 3PE U . 12.12 -10.39 -31.05
C26 3PE U . 11.82 -11.16 -29.79
C27 3PE U . 10.71 -12.18 -29.93
C28 3PE U . 10.33 -12.87 -28.65
C29 3PE U . 11.46 -13.59 -27.96
C2A 3PE U . 11.02 -14.47 -26.81
C2B 3PE U . 10.21 -13.75 -25.75
C2C 3PE U . 9.71 -14.65 -24.64
C2D 3PE U . 8.87 -13.94 -23.62
C2E 3PE U . 7.62 -13.30 -24.18
C2F 3PE U . 6.78 -12.59 -23.15
C1 CLR V . 28.21 6.57 -15.41
C2 CLR V . 29.29 7.61 -15.75
C3 CLR V . 29.15 8.14 -17.16
C4 CLR V . 28.76 7.02 -18.11
C5 CLR V . 29.05 5.65 -17.56
C6 CLR V . 29.90 4.82 -18.15
C7 CLR V . 30.36 3.51 -17.59
C8 CLR V . 29.53 3.04 -16.40
C9 CLR V . 29.16 4.22 -15.50
C10 CLR V . 28.33 5.28 -16.27
C11 CLR V . 28.50 3.76 -14.19
C12 CLR V . 29.32 2.71 -13.45
C13 CLR V . 29.59 1.48 -14.32
C14 CLR V . 30.31 2.01 -15.58
C15 CLR V . 30.82 0.75 -16.28
C16 CLR V . 31.17 -0.20 -15.11
C17 CLR V . 30.67 0.48 -13.81
C18 CLR V . 28.28 0.74 -14.65
C19 CLR V . 26.92 4.76 -16.62
C20 CLR V . 30.34 -0.54 -12.71
C21 CLR V . 30.09 0.09 -11.34
C22 CLR V . 31.45 -1.60 -12.61
C23 CLR V . 31.16 -2.78 -11.72
C24 CLR V . 32.30 -3.75 -11.63
C25 CLR V . 32.03 -5.01 -10.79
C26 CLR V . 33.26 -5.90 -10.73
C27 CLR V . 30.83 -5.78 -11.32
O1 CLR V . 28.16 9.16 -17.20
C01 C14 W . 23.70 -6.34 -29.33
C02 C14 W . 22.83 -6.51 -28.10
C03 C14 W . 22.95 -5.37 -27.12
C04 C14 W . 22.07 -5.49 -25.90
C05 C14 W . 22.16 -4.32 -24.96
C06 C14 W . 21.23 -4.38 -23.77
C07 C14 W . 21.51 -5.52 -22.81
C08 C14 W . 20.65 -5.49 -21.58
C09 C14 W . 20.88 -6.65 -20.63
C10 C14 W . 19.99 -6.62 -19.41
C11 C14 W . 20.16 -7.81 -18.49
C12 C14 W . 19.26 -7.78 -17.27
C13 C14 W . 19.41 -8.96 -16.36
C14 C14 W . 20.80 -9.11 -15.78
#